data_3LPF
#
_entry.id   3LPF
#
_cell.length_a   168.058
_cell.length_b   77.409
_cell.length_c   126.152
_cell.angle_alpha   90.000
_cell.angle_beta   124.660
_cell.angle_gamma   90.000
#
_symmetry.space_group_name_H-M   'C 1 2 1'
#
loop_
_entity.id
_entity.type
_entity.pdbx_description
1 polymer Beta-glucuronidase
2 non-polymer 1-[(6,7-dimethyl-2-oxo-1,2-dihydroquinolin-3-yl)methyl]-1-(2-hydroxyethyl)-3-(3-methoxyphenyl)thiourea
3 water water
#
_entity_poly.entity_id   1
_entity_poly.type   'polypeptide(L)'
_entity_poly.pdbx_seq_one_letter_code
;SH(MSE)LRPVETPTREIKKLDGLWAFSLDRENCGIDQRWWESALQESRAIAVPGSFNDQFADADIRNYAGNVWYQREVF
IPKGWAGQRIVLRFDAVTHYGKVWVNNQEV(MSE)EHQGGYTPFEADVTPYVIAGKSVRITVCVNNELNWQTIPPG
(MSE)VITDENGKKKQSYFHDFFNYAGIHRSV(MSE)LYTTPNTWVDDITVVTHVAQDCNHASVDWQVVANGDVSVELRD
ADQQVVATGQGTSGTLQVVNPHLWQPGEGYLYELCVTAKSQTECDIYPLRVGIRSVAVKGEQFLINHKPFYFTGFGRHED
ADLRGKGFDNVL(MSE)VHDHAL(MSE)DWIGANSYRTSHYPYAEE(MSE)LDWADEHGIVVIDETAAVGFNLSLGIGFE
AGNKPKELYSEEAVNGETQQAHLQAIKELIARDKNHPSVV(MSE)WSIANEPDTRPQGAREYFAPLAEATRKLDPTRPIT
CVNV(MSE)FCDAHTDTISDLFDVLCLNRYYGWYVQSGDLETAEKVLEKELLAWQEKLHQPIIITEYGVDTLAGLHS
(MSE)YTD(MSE)WSEEYQCAWLD(MSE)YHRVFDRVSAVVGEQVWNFADFATSQGILRVGGNKKGIFTRDRKPKSAAFL
LQKRWTG(MSE)NFGEKPQQGGKQ
;
_entity_poly.pdbx_strand_id   A,B
#
# COMPACT_ATOMS: atom_id res chain seq x y z
N SER A 1 -21.65 -21.05 -3.88
CA SER A 1 -22.91 -20.32 -3.83
C SER A 1 -23.05 -19.23 -4.92
N HIS A 2 -23.80 -18.18 -4.57
CA HIS A 2 -24.00 -16.99 -5.38
C HIS A 2 -23.02 -15.93 -4.90
N LEU A 4 -22.16 -11.82 -5.45
CA LEU A 4 -22.25 -10.48 -6.03
C LEU A 4 -21.24 -9.63 -5.28
N ARG A 5 -20.66 -8.66 -5.97
CA ARG A 5 -19.66 -7.78 -5.38
C ARG A 5 -20.34 -6.68 -4.56
N PRO A 6 -19.98 -6.57 -3.27
CA PRO A 6 -20.61 -5.57 -2.40
C PRO A 6 -20.41 -4.10 -2.86
N VAL A 7 -21.51 -3.33 -2.95
CA VAL A 7 -21.51 -1.87 -3.23
C VAL A 7 -22.48 -1.19 -2.27
N GLU A 8 -22.53 0.14 -2.25
CA GLU A 8 -23.11 0.84 -1.08
C GLU A 8 -24.58 1.32 -1.00
N THR A 9 -25.44 0.84 -1.89
CA THR A 9 -26.82 1.36 -2.04
C THR A 9 -28.01 1.41 -1.01
N PRO A 10 -28.54 0.24 -0.53
CA PRO A 10 -29.45 0.18 0.63
C PRO A 10 -28.37 -0.44 1.49
N THR A 11 -27.54 -1.16 0.74
CA THR A 11 -26.37 -1.89 1.20
C THR A 11 -25.28 -1.01 1.83
N ARG A 12 -24.55 -1.55 2.80
CA ARG A 12 -23.46 -0.82 3.45
C ARG A 12 -22.31 -1.71 3.98
N GLU A 13 -21.07 -1.30 3.70
CA GLU A 13 -19.83 -1.97 4.16
C GLU A 13 -19.20 -1.21 5.31
N ILE A 14 -18.56 -1.95 6.20
CA ILE A 14 -17.55 -1.37 7.09
C ILE A 14 -16.30 -2.13 6.65
N LYS A 15 -15.25 -1.42 6.26
CA LYS A 15 -14.16 -2.06 5.52
C LYS A 15 -13.42 -3.12 6.36
N LYS A 16 -12.90 -2.75 7.52
CA LYS A 16 -12.19 -3.75 8.34
C LYS A 16 -10.97 -4.32 7.67
N LEU A 17 -10.72 -3.92 6.42
CA LEU A 17 -9.48 -4.22 5.74
C LEU A 17 -8.57 -3.17 6.32
N ASP A 18 -9.10 -2.42 7.28
CA ASP A 18 -8.27 -1.75 8.24
C ASP A 18 -7.35 -2.93 8.46
N GLY A 19 -6.06 -2.73 8.31
CA GLY A 19 -5.19 -3.87 8.15
C GLY A 19 -4.32 -4.29 9.31
N LEU A 20 -4.37 -3.58 10.42
CA LEU A 20 -3.57 -4.02 11.53
C LEU A 20 -4.31 -5.16 12.26
N TRP A 21 -3.82 -6.39 12.08
CA TRP A 21 -4.31 -7.58 12.77
C TRP A 21 -3.20 -8.24 13.57
N ALA A 22 -3.58 -9.14 14.47
CA ALA A 22 -2.61 -9.93 15.24
C ALA A 22 -2.24 -11.19 14.45
N PHE A 23 -1.04 -11.72 14.68
CA PHE A 23 -0.54 -12.78 13.82
C PHE A 23 0.47 -13.74 14.46
N SER A 24 0.35 -15.03 14.16
CA SER A 24 1.41 -15.96 14.54
C SER A 24 1.43 -17.24 13.75
N LEU A 25 2.60 -17.87 13.78
CA LEU A 25 2.78 -19.15 13.12
C LEU A 25 2.26 -20.21 14.08
N ASP A 26 2.29 -21.46 13.64
CA ASP A 26 1.80 -22.55 14.45
C ASP A 26 2.82 -23.44 13.77
N ARG A 27 3.77 -23.95 14.57
CA ARG A 27 4.93 -24.65 14.05
C ARG A 27 4.72 -26.07 14.56
N GLU A 28 4.11 -26.22 15.74
CA GLU A 28 3.92 -27.56 16.27
C GLU A 28 2.50 -28.07 15.98
N ASN A 29 1.72 -27.23 15.29
CA ASN A 29 0.38 -27.59 14.82
C ASN A 29 -0.66 -27.83 15.92
N CYS A 30 -0.65 -26.94 16.91
CA CYS A 30 -1.50 -26.96 18.10
C CYS A 30 -2.83 -26.24 17.93
N GLY A 31 -2.94 -25.44 16.87
CA GLY A 31 -3.92 -24.38 16.80
C GLY A 31 -5.38 -24.79 16.94
N ILE A 32 -5.74 -25.89 16.31
CA ILE A 32 -7.10 -26.39 16.29
C ILE A 32 -7.36 -27.25 17.52
N ASP A 33 -6.30 -27.89 18.01
CA ASP A 33 -6.36 -28.62 19.28
C ASP A 33 -6.77 -27.67 20.39
N GLN A 34 -5.98 -26.61 20.54
CA GLN A 34 -6.15 -25.65 21.64
C GLN A 34 -7.20 -24.56 21.37
N ARG A 35 -8.01 -24.74 20.34
CA ARG A 35 -9.14 -23.84 20.10
C ARG A 35 -8.73 -22.37 20.18
N TRP A 36 -7.76 -21.99 19.36
CA TRP A 36 -7.17 -20.66 19.44
C TRP A 36 -8.15 -19.52 19.14
N TRP A 37 -9.21 -19.82 18.39
CA TRP A 37 -10.23 -18.83 18.07
C TRP A 37 -10.95 -18.33 19.31
N GLU A 38 -10.77 -19.05 20.42
CA GLU A 38 -11.55 -18.83 21.63
C GLU A 38 -10.94 -17.76 22.54
N SER A 39 -9.63 -17.61 22.47
CA SER A 39 -8.94 -16.63 23.28
C SER A 39 -8.00 -15.82 22.40
N ALA A 40 -7.77 -14.56 22.74
CA ALA A 40 -6.90 -13.72 21.92
C ALA A 40 -5.54 -14.40 21.70
N LEU A 41 -5.06 -14.39 20.46
CA LEU A 41 -3.84 -15.12 20.09
C LEU A 41 -2.72 -14.76 21.06
N GLN A 42 -1.85 -15.71 21.36
CA GLN A 42 -0.71 -15.42 22.23
C GLN A 42 0.56 -15.36 21.40
N GLU A 43 1.59 -14.72 21.93
CA GLU A 43 2.82 -14.49 21.17
C GLU A 43 2.47 -14.04 19.75
N SER A 44 1.77 -12.91 19.66
CA SER A 44 1.17 -12.50 18.40
C SER A 44 1.66 -11.11 17.98
N ARG A 45 2.24 -11.03 16.79
CA ARG A 45 2.78 -9.76 16.31
C ARG A 45 1.84 -9.11 15.30
N ALA A 46 1.97 -7.79 15.14
CA ALA A 46 1.13 -7.05 14.21
C ALA A 46 1.51 -7.32 12.75
N ILE A 47 0.51 -7.52 11.90
CA ILE A 47 0.74 -7.74 10.46
C ILE A 47 -0.27 -6.94 9.67
N ALA A 48 0.10 -6.48 8.48
CA ALA A 48 -0.84 -5.74 7.64
C ALA A 48 -1.72 -6.66 6.78
N VAL A 49 -3.04 -6.46 6.83
CA VAL A 49 -3.93 -7.02 5.82
C VAL A 49 -4.70 -5.93 5.08
N PRO A 50 -4.75 -6.01 3.74
CA PRO A 50 -4.33 -7.16 2.93
C PRO A 50 -2.83 -7.15 2.70
N GLY A 51 -2.26 -8.33 2.50
CA GLY A 51 -0.85 -8.46 2.14
C GLY A 51 -0.55 -9.94 2.05
N SER A 52 0.60 -10.31 1.48
CA SER A 52 1.02 -11.69 1.57
C SER A 52 1.60 -11.60 2.95
N PHE A 53 1.68 -12.70 3.70
CA PHE A 53 2.41 -12.62 4.96
C PHE A 53 3.92 -12.79 4.82
N ASN A 54 4.38 -13.47 3.77
CA ASN A 54 5.77 -13.91 3.74
C ASN A 54 6.83 -12.82 3.84
N ASP A 55 6.57 -11.66 3.24
CA ASP A 55 7.62 -10.66 3.14
C ASP A 55 7.54 -9.48 4.11
N GLN A 56 6.50 -9.36 4.94
CA GLN A 56 6.41 -8.16 5.77
C GLN A 56 7.43 -8.11 6.89
N PHE A 57 8.12 -9.21 7.18
CA PHE A 57 8.99 -9.23 8.37
C PHE A 57 10.49 -9.50 8.12
N ALA A 58 10.89 -9.55 6.85
CA ALA A 58 12.30 -9.76 6.53
C ALA A 58 12.93 -11.01 7.19
N ASP A 59 12.12 -12.04 7.39
CA ASP A 59 12.56 -13.27 8.06
C ASP A 59 12.40 -14.47 7.15
N ALA A 60 13.51 -15.05 6.72
CA ALA A 60 13.50 -16.24 5.85
C ALA A 60 12.62 -17.36 6.38
N ASP A 61 12.51 -17.45 7.70
CA ASP A 61 11.89 -18.64 8.31
C ASP A 61 10.38 -18.55 8.28
N ILE A 62 9.89 -17.31 8.37
CA ILE A 62 8.50 -17.01 8.14
C ILE A 62 8.17 -17.05 6.64
N ARG A 63 9.09 -16.56 5.82
CA ARG A 63 8.88 -16.51 4.37
C ARG A 63 8.68 -17.91 3.79
N ASN A 64 9.44 -18.86 4.32
CA ASN A 64 9.46 -20.21 3.76
C ASN A 64 8.68 -21.21 4.57
N TYR A 65 7.84 -20.69 5.44
CA TYR A 65 7.05 -21.50 6.33
C TYR A 65 5.99 -22.26 5.54
N ALA A 66 5.71 -23.49 5.96
CA ALA A 66 4.64 -24.25 5.37
C ALA A 66 3.82 -24.81 6.52
N GLY A 67 2.50 -24.69 6.44
CA GLY A 67 1.71 -25.04 7.59
C GLY A 67 0.62 -24.03 7.82
N ASN A 68 0.29 -23.83 9.09
CA ASN A 68 -0.84 -22.98 9.45
C ASN A 68 -0.42 -21.69 10.12
N VAL A 69 -1.15 -20.62 9.83
CA VAL A 69 -0.93 -19.35 10.46
C VAL A 69 -2.27 -18.77 10.86
N TRP A 70 -2.25 -17.82 11.80
CA TRP A 70 -3.48 -17.28 12.35
C TRP A 70 -3.51 -15.75 12.32
N TYR A 71 -4.65 -15.22 11.88
CA TYR A 71 -4.90 -13.79 11.92
C TYR A 71 -6.02 -13.53 12.90
N GLN A 72 -5.81 -12.58 13.79
CA GLN A 72 -6.86 -12.27 14.74
C GLN A 72 -7.07 -10.78 14.92
N ARG A 73 -8.33 -10.41 15.19
CA ARG A 73 -8.73 -9.02 15.15
C ARG A 73 -10.12 -8.78 15.77
N GLU A 74 -10.24 -7.76 16.61
CA GLU A 74 -11.53 -7.35 17.14
C GLU A 74 -12.20 -6.29 16.30
N VAL A 75 -13.53 -6.34 16.18
CA VAL A 75 -14.24 -5.28 15.48
C VAL A 75 -15.55 -4.82 16.14
N PHE A 76 -16.08 -3.71 15.65
CA PHE A 76 -17.32 -3.13 16.14
C PHE A 76 -18.43 -3.25 15.11
N ILE A 77 -19.52 -3.91 15.48
CA ILE A 77 -20.66 -3.93 14.60
C ILE A 77 -21.31 -2.58 14.75
N PRO A 78 -21.63 -1.93 13.62
CA PRO A 78 -22.27 -0.62 13.73
C PRO A 78 -23.59 -0.77 14.44
N LYS A 79 -23.89 0.17 15.33
CA LYS A 79 -25.14 0.13 16.06
C LYS A 79 -26.32 0.20 15.08
N GLY A 80 -26.16 1.01 14.03
CA GLY A 80 -27.20 1.18 13.03
C GLY A 80 -27.75 -0.09 12.39
N TRP A 81 -26.96 -1.15 12.38
CA TRP A 81 -27.32 -2.40 11.68
C TRP A 81 -28.25 -3.22 12.57
N ALA A 82 -29.50 -2.79 12.65
CA ALA A 82 -30.45 -3.32 13.61
C ALA A 82 -31.25 -4.56 13.25
N GLY A 83 -31.93 -4.52 12.11
CA GLY A 83 -32.81 -5.62 11.73
C GLY A 83 -32.02 -6.39 10.69
N GLN A 84 -30.72 -6.08 10.63
CA GLN A 84 -29.94 -6.34 9.44
C GLN A 84 -29.30 -7.73 9.20
N ARG A 85 -29.37 -8.16 7.93
CA ARG A 85 -28.52 -9.19 7.33
C ARG A 85 -27.07 -8.71 7.34
N ILE A 86 -26.25 -9.32 8.18
CA ILE A 86 -24.86 -8.93 8.32
C ILE A 86 -23.99 -10.03 7.78
N VAL A 87 -23.17 -9.70 6.79
CA VAL A 87 -22.37 -10.68 6.08
C VAL A 87 -20.88 -10.41 6.31
N LEU A 88 -20.12 -11.47 6.57
CA LEU A 88 -18.70 -11.31 6.70
C LEU A 88 -18.10 -11.86 5.42
N ARG A 89 -17.35 -11.02 4.71
CA ARG A 89 -16.82 -11.45 3.42
C ARG A 89 -15.33 -11.25 3.31
N PHE A 90 -14.69 -12.27 2.74
CA PHE A 90 -13.27 -12.22 2.40
C PHE A 90 -13.08 -12.30 0.92
N ASP A 91 -12.43 -11.28 0.36
CA ASP A 91 -12.18 -11.24 -1.08
C ASP A 91 -11.21 -12.34 -1.57
N ALA A 92 -10.30 -12.78 -0.70
CA ALA A 92 -9.45 -13.95 -0.99
C ALA A 92 -8.72 -14.30 0.30
N VAL A 93 -8.46 -15.58 0.51
CA VAL A 93 -7.56 -15.98 1.59
C VAL A 93 -6.73 -17.04 0.88
N THR A 94 -5.42 -16.81 0.79
CA THR A 94 -4.59 -17.64 -0.06
C THR A 94 -4.06 -18.98 0.42
N HIS A 95 -4.44 -19.90 -0.45
CA HIS A 95 -5.00 -21.24 -0.28
C HIS A 95 -6.19 -21.29 0.65
N TYR A 96 -6.20 -22.19 1.62
CA TYR A 96 -7.38 -22.32 2.45
C TYR A 96 -7.52 -21.45 3.70
N GLY A 97 -8.74 -21.03 4.03
CA GLY A 97 -8.99 -20.27 5.25
C GLY A 97 -10.20 -20.76 6.04
N LYS A 98 -10.07 -20.84 7.36
CA LYS A 98 -11.20 -21.17 8.22
C LYS A 98 -11.44 -20.00 9.18
N VAL A 99 -12.71 -19.65 9.39
CA VAL A 99 -13.07 -18.43 10.10
C VAL A 99 -13.96 -18.64 11.30
N TRP A 100 -13.58 -18.05 12.44
CA TRP A 100 -14.43 -18.00 13.62
C TRP A 100 -14.83 -16.57 13.98
N VAL A 101 -16.09 -16.41 14.35
CA VAL A 101 -16.54 -15.24 15.05
C VAL A 101 -16.74 -15.66 16.50
N ASN A 102 -15.80 -15.30 17.37
CA ASN A 102 -15.95 -15.51 18.80
C ASN A 102 -16.36 -16.92 19.17
N ASN A 103 -15.60 -17.94 18.78
CA ASN A 103 -16.01 -19.33 19.08
C ASN A 103 -17.25 -19.77 18.30
N GLN A 104 -17.44 -19.28 17.08
CA GLN A 104 -18.55 -19.76 16.23
C GLN A 104 -17.87 -19.84 14.86
N GLU A 105 -17.53 -21.06 14.41
CA GLU A 105 -16.99 -21.27 13.05
C GLU A 105 -18.06 -20.92 12.02
N VAL A 106 -17.76 -19.96 11.12
CA VAL A 106 -18.74 -19.53 10.10
C VAL A 106 -18.40 -19.90 8.65
N GLU A 108 -15.28 -21.71 5.67
CA GLU A 108 -14.16 -22.51 5.28
C GLU A 108 -14.16 -22.38 3.76
N HIS A 109 -12.98 -22.12 3.19
CA HIS A 109 -12.89 -22.08 1.74
C HIS A 109 -11.53 -22.61 1.27
N GLN A 110 -11.52 -23.39 0.19
CA GLN A 110 -10.29 -23.82 -0.47
C GLN A 110 -10.15 -23.18 -1.84
N GLY A 111 -9.08 -22.42 -2.04
CA GLY A 111 -8.85 -21.68 -3.26
C GLY A 111 -8.15 -20.48 -2.65
N GLY A 112 -7.29 -19.79 -3.40
CA GLY A 112 -6.46 -18.79 -2.77
C GLY A 112 -6.90 -17.46 -3.38
N TYR A 113 -7.82 -17.50 -4.35
CA TYR A 113 -7.95 -16.33 -5.23
C TYR A 113 -9.36 -15.81 -5.50
N THR A 114 -10.37 -16.40 -4.86
CA THR A 114 -11.73 -15.92 -5.04
C THR A 114 -12.39 -15.80 -3.68
N PRO A 115 -13.44 -14.98 -3.57
CA PRO A 115 -14.05 -14.67 -2.27
C PRO A 115 -14.94 -15.76 -1.72
N PHE A 116 -15.13 -15.71 -0.41
CA PHE A 116 -16.14 -16.53 0.25
C PHE A 116 -16.77 -15.65 1.33
N GLU A 117 -18.08 -15.79 1.54
CA GLU A 117 -18.83 -14.94 2.49
C GLU A 117 -19.86 -15.79 3.24
N ALA A 118 -20.15 -15.41 4.48
CA ALA A 118 -21.18 -16.07 5.29
C ALA A 118 -22.14 -15.05 5.90
N ASP A 119 -23.42 -15.39 5.96
CA ASP A 119 -24.44 -14.60 6.65
C ASP A 119 -24.27 -14.87 8.16
N VAL A 120 -23.82 -13.86 8.91
CA VAL A 120 -23.34 -14.05 10.29
C VAL A 120 -24.20 -13.40 11.34
N THR A 121 -25.34 -12.85 10.93
CA THR A 121 -26.19 -12.08 11.83
C THR A 121 -26.35 -12.74 13.21
N PRO A 122 -26.72 -14.02 13.21
CA PRO A 122 -27.01 -14.68 14.50
C PRO A 122 -25.82 -14.93 15.42
N TYR A 123 -24.61 -14.56 15.01
CA TYR A 123 -23.44 -14.78 15.88
C TYR A 123 -22.79 -13.44 16.24
N VAL A 124 -23.47 -12.35 15.87
CA VAL A 124 -23.03 -11.00 16.18
C VAL A 124 -24.17 -10.12 16.74
N ILE A 125 -23.80 -9.18 17.61
CA ILE A 125 -24.74 -8.24 18.20
C ILE A 125 -24.40 -6.81 17.81
N ALA A 126 -25.28 -6.18 17.03
CA ALA A 126 -25.03 -4.83 16.51
C ALA A 126 -24.68 -3.84 17.62
N GLY A 127 -23.48 -3.28 17.55
CA GLY A 127 -23.08 -2.27 18.51
C GLY A 127 -22.13 -2.80 19.56
N LYS A 128 -21.82 -4.10 19.47
CA LYS A 128 -20.83 -4.72 20.34
C LYS A 128 -19.58 -5.08 19.55
N SER A 129 -18.57 -5.54 20.27
CA SER A 129 -17.26 -5.80 19.69
C SER A 129 -16.99 -7.31 19.59
N VAL A 130 -16.48 -7.76 18.46
CA VAL A 130 -16.23 -9.18 18.21
C VAL A 130 -14.78 -9.53 17.90
N ARG A 131 -14.42 -10.76 18.21
CA ARG A 131 -13.11 -11.33 17.93
C ARG A 131 -13.23 -12.33 16.76
N ILE A 132 -12.33 -12.17 15.80
CA ILE A 132 -12.39 -12.88 14.55
C ILE A 132 -11.05 -13.52 14.37
N THR A 133 -11.04 -14.84 14.32
CA THR A 133 -9.81 -15.54 14.12
C THR A 133 -9.92 -16.19 12.76
N VAL A 134 -8.84 -16.09 11.99
CA VAL A 134 -8.74 -16.80 10.74
C VAL A 134 -7.56 -17.74 10.85
N CYS A 135 -7.76 -18.98 10.45
CA CYS A 135 -6.69 -19.94 10.29
C CYS A 135 -6.49 -20.08 8.79
N VAL A 136 -5.31 -19.72 8.34
CA VAL A 136 -4.98 -19.73 6.93
C VAL A 136 -3.92 -20.80 6.68
N ASN A 137 -4.09 -21.55 5.60
CA ASN A 137 -3.15 -22.61 5.25
C ASN A 137 -2.62 -22.47 3.85
N ASN A 138 -1.32 -22.67 3.69
CA ASN A 138 -0.64 -22.40 2.43
C ASN A 138 -0.07 -23.65 1.78
N GLU A 139 -0.60 -24.82 2.12
CA GLU A 139 -0.04 -26.05 1.54
C GLU A 139 -0.76 -26.49 0.28
N LEU A 140 -0.01 -27.14 -0.60
CA LEU A 140 -0.57 -27.63 -1.84
C LEU A 140 -0.43 -29.14 -1.94
N ASN A 141 -1.36 -29.76 -2.65
CA ASN A 141 -1.32 -31.21 -2.88
C ASN A 141 -1.92 -31.51 -4.25
N TRP A 142 -2.11 -32.79 -4.57
CA TRP A 142 -2.54 -33.14 -5.92
C TRP A 142 -3.99 -32.76 -6.18
N GLN A 143 -4.73 -32.45 -5.12
CA GLN A 143 -6.13 -32.03 -5.30
C GLN A 143 -6.34 -30.51 -5.16
N THR A 144 -5.28 -29.77 -4.82
CA THR A 144 -5.37 -28.30 -4.69
C THR A 144 -5.14 -27.61 -6.04
N ILE A 145 -5.81 -26.47 -6.29
CA ILE A 145 -5.61 -25.74 -7.55
C ILE A 145 -4.91 -24.40 -7.22
N PRO A 146 -3.58 -24.31 -7.44
CA PRO A 146 -2.71 -25.26 -8.14
C PRO A 146 -2.22 -26.42 -7.27
N PRO A 147 -1.71 -27.46 -7.91
CA PRO A 147 -1.13 -28.65 -7.27
C PRO A 147 0.31 -28.50 -6.83
N GLY A 148 0.69 -29.38 -5.91
CA GLY A 148 2.04 -29.39 -5.38
C GLY A 148 2.17 -30.63 -4.49
N VAL A 150 3.92 -31.35 -0.63
CA VAL A 150 4.73 -31.10 0.54
C VAL A 150 5.57 -32.32 0.87
N ILE A 151 6.80 -32.07 1.25
CA ILE A 151 7.77 -33.09 1.56
C ILE A 151 8.13 -32.93 3.00
N THR A 152 7.97 -33.97 3.81
CA THR A 152 8.39 -33.83 5.18
C THR A 152 9.69 -34.60 5.34
N ASP A 153 10.74 -33.91 5.78
CA ASP A 153 11.99 -34.60 6.02
C ASP A 153 11.83 -35.45 7.26
N GLU A 154 12.90 -36.15 7.61
CA GLU A 154 12.95 -37.13 8.68
C GLU A 154 12.58 -36.54 10.03
N ASN A 155 12.61 -35.22 10.09
CA ASN A 155 12.41 -34.50 11.34
C ASN A 155 10.97 -34.03 11.55
N GLY A 156 10.12 -34.26 10.55
CA GLY A 156 8.75 -33.77 10.58
C GLY A 156 8.62 -32.34 10.07
N LYS A 157 9.73 -31.75 9.63
CA LYS A 157 9.71 -30.38 9.08
C LYS A 157 9.23 -30.37 7.64
N LYS A 158 8.01 -29.84 7.43
CA LYS A 158 7.42 -29.72 6.10
C LYS A 158 8.12 -28.71 5.19
N LYS A 159 8.19 -29.02 3.90
CA LYS A 159 8.80 -28.18 2.88
C LYS A 159 7.93 -28.26 1.62
N GLN A 160 7.37 -27.14 1.17
CA GLN A 160 6.51 -27.14 -0.02
C GLN A 160 7.30 -27.19 -1.31
N SER A 161 6.88 -28.03 -2.23
CA SER A 161 7.45 -27.99 -3.57
C SER A 161 6.28 -27.88 -4.51
N TYR A 162 6.48 -27.24 -5.65
CA TYR A 162 5.41 -27.01 -6.60
C TYR A 162 6.00 -26.89 -8.00
N PHE A 163 5.15 -26.86 -9.01
CA PHE A 163 5.63 -27.01 -10.37
C PHE A 163 5.47 -25.75 -11.21
N HIS A 164 5.22 -24.63 -10.55
CA HIS A 164 5.16 -23.33 -11.21
C HIS A 164 6.29 -22.40 -10.80
N ASP A 165 6.55 -21.41 -11.62
CA ASP A 165 7.63 -20.45 -11.40
C ASP A 165 7.38 -19.72 -10.08
N PHE A 166 6.32 -18.91 -10.10
CA PHE A 166 6.14 -17.85 -9.13
C PHE A 166 6.10 -18.34 -7.70
N PHE A 167 6.53 -17.45 -6.81
CA PHE A 167 6.60 -17.79 -5.40
C PHE A 167 5.22 -17.99 -4.79
N ASN A 168 5.10 -19.03 -3.98
CA ASN A 168 3.88 -19.38 -3.30
C ASN A 168 3.89 -18.31 -2.21
N TYR A 169 3.17 -17.22 -2.39
CA TYR A 169 3.00 -16.22 -1.32
C TYR A 169 1.64 -16.67 -0.80
N ALA A 170 1.40 -16.45 0.48
CA ALA A 170 0.10 -16.78 1.06
C ALA A 170 -0.28 -15.71 2.06
N GLY A 171 -1.51 -15.77 2.56
CA GLY A 171 -2.01 -14.82 3.55
C GLY A 171 -3.32 -14.26 3.07
N ILE A 172 -3.85 -13.26 3.77
CA ILE A 172 -5.07 -12.61 3.32
C ILE A 172 -4.69 -11.51 2.35
N HIS A 173 -4.79 -11.79 1.06
CA HIS A 173 -4.25 -10.94 0.03
C HIS A 173 -5.18 -9.81 -0.35
N ARG A 174 -6.43 -9.93 0.04
CA ARG A 174 -7.41 -8.96 -0.41
C ARG A 174 -8.27 -8.53 0.77
N SER A 175 -9.12 -7.54 0.55
CA SER A 175 -9.87 -6.94 1.64
C SER A 175 -10.79 -7.95 2.36
N VAL A 176 -11.07 -7.67 3.62
CA VAL A 176 -12.12 -8.37 4.33
C VAL A 176 -13.12 -7.31 4.66
N LEU A 178 -17.25 -6.52 6.55
CA LEU A 178 -18.59 -6.75 7.03
C LEU A 178 -19.44 -5.88 6.11
N TYR A 179 -20.54 -6.44 5.62
CA TYR A 179 -21.47 -5.66 4.82
C TYR A 179 -22.91 -6.06 5.05
N THR A 180 -23.81 -5.21 4.59
CA THR A 180 -25.21 -5.20 4.97
C THR A 180 -26.16 -5.33 3.79
N THR A 181 -27.23 -6.10 3.97
CA THR A 181 -28.37 -6.07 3.06
C THR A 181 -29.67 -6.20 3.86
N PRO A 182 -30.83 -5.96 3.23
CA PRO A 182 -32.13 -6.18 3.89
C PRO A 182 -32.51 -7.67 3.77
N ASN A 183 -33.59 -8.16 4.38
CA ASN A 183 -33.84 -9.62 4.37
C ASN A 183 -34.52 -10.07 3.08
N THR A 184 -34.88 -9.07 2.29
CA THR A 184 -35.16 -9.18 0.88
C THR A 184 -33.92 -8.57 0.22
N TRP A 185 -33.26 -9.33 -0.64
CA TRP A 185 -31.99 -8.92 -1.26
C TRP A 185 -31.71 -9.73 -2.52
N VAL A 186 -31.16 -9.03 -3.50
CA VAL A 186 -30.64 -9.64 -4.71
C VAL A 186 -29.40 -10.41 -4.32
N ASP A 187 -29.30 -11.70 -4.62
CA ASP A 187 -27.99 -12.30 -4.38
C ASP A 187 -27.25 -12.88 -5.58
N ASP A 188 -27.91 -12.86 -6.75
CA ASP A 188 -27.24 -13.24 -7.99
C ASP A 188 -27.88 -12.52 -9.17
N ILE A 189 -27.04 -12.07 -10.11
CA ILE A 189 -27.49 -11.47 -11.38
C ILE A 189 -26.68 -12.03 -12.53
N THR A 190 -27.29 -12.15 -13.71
CA THR A 190 -26.53 -12.51 -14.91
C THR A 190 -26.99 -11.72 -16.13
N VAL A 191 -26.03 -11.15 -16.86
CA VAL A 191 -26.34 -10.31 -18.01
C VAL A 191 -25.63 -10.79 -19.27
N VAL A 192 -26.38 -10.82 -20.36
CA VAL A 192 -25.83 -11.16 -21.66
C VAL A 192 -26.18 -10.01 -22.58
N THR A 193 -25.17 -9.52 -23.30
CA THR A 193 -25.34 -8.39 -24.19
C THR A 193 -25.24 -8.87 -25.63
N HIS A 194 -26.21 -8.50 -26.47
CA HIS A 194 -26.24 -8.95 -27.85
C HIS A 194 -26.05 -7.75 -28.79
N VAL A 195 -25.54 -7.94 -30.02
CA VAL A 195 -25.37 -6.81 -30.96
C VAL A 195 -25.23 -7.22 -32.43
N ALA A 196 -25.72 -6.39 -33.37
CA ALA A 196 -25.85 -6.83 -34.75
C ALA A 196 -25.42 -5.82 -35.80
N GLN A 197 -24.17 -5.86 -36.21
CA GLN A 197 -23.69 -4.87 -37.19
C GLN A 197 -24.01 -3.49 -36.63
N ASP A 198 -24.22 -3.49 -35.33
CA ASP A 198 -23.85 -2.37 -34.48
C ASP A 198 -24.74 -1.18 -34.41
N CYS A 199 -25.98 -1.28 -34.84
CA CYS A 199 -26.75 -0.09 -34.63
C CYS A 199 -27.54 -0.04 -33.34
N ASN A 200 -28.11 -1.18 -32.95
CA ASN A 200 -28.89 -1.23 -31.72
C ASN A 200 -29.03 -2.67 -31.26
N HIS A 201 -28.74 -2.94 -30.00
CA HIS A 201 -29.31 -4.15 -29.39
C HIS A 201 -29.51 -4.46 -27.90
N ALA A 202 -30.01 -5.67 -27.67
CA ALA A 202 -30.59 -6.10 -26.41
C ALA A 202 -29.64 -6.69 -25.38
N SER A 203 -30.14 -6.81 -24.15
CA SER A 203 -29.40 -7.44 -23.08
C SER A 203 -30.30 -8.45 -22.39
N VAL A 204 -30.08 -9.75 -22.58
CA VAL A 204 -30.90 -10.67 -21.78
C VAL A 204 -30.51 -10.46 -20.29
N ASP A 205 -31.44 -10.72 -19.37
CA ASP A 205 -31.15 -10.61 -17.93
C ASP A 205 -31.86 -11.70 -17.11
N TRP A 206 -31.13 -12.21 -16.13
CA TRP A 206 -31.56 -13.33 -15.31
C TRP A 206 -31.22 -12.88 -13.93
N GLN A 207 -32.17 -13.01 -13.02
CA GLN A 207 -31.98 -12.37 -11.75
C GLN A 207 -32.53 -13.28 -10.65
N VAL A 208 -31.69 -13.68 -9.71
CA VAL A 208 -32.14 -14.48 -8.59
C VAL A 208 -32.22 -13.61 -7.37
N VAL A 209 -33.34 -13.78 -6.66
CA VAL A 209 -33.63 -12.92 -5.54
C VAL A 209 -33.80 -13.71 -4.26
N ALA A 210 -33.31 -13.14 -3.16
CA ALA A 210 -33.85 -13.48 -1.86
C ALA A 210 -35.25 -12.95 -1.49
N ASN A 211 -36.30 -13.76 -1.54
CA ASN A 211 -37.62 -13.18 -1.33
C ASN A 211 -38.24 -11.93 -1.92
N GLY A 212 -37.95 -11.64 -3.19
CA GLY A 212 -38.71 -10.58 -3.84
C GLY A 212 -39.06 -10.51 -5.30
N ASP A 213 -40.06 -9.68 -5.61
CA ASP A 213 -40.34 -9.27 -6.99
C ASP A 213 -39.16 -8.47 -7.46
N VAL A 214 -38.76 -8.68 -8.71
CA VAL A 214 -37.69 -7.86 -9.25
C VAL A 214 -38.17 -6.99 -10.41
N SER A 215 -37.61 -5.78 -10.45
CA SER A 215 -37.76 -4.87 -11.55
C SER A 215 -36.34 -4.40 -11.89
N VAL A 216 -36.18 -3.71 -13.01
CA VAL A 216 -34.89 -3.55 -13.62
C VAL A 216 -34.90 -2.31 -14.53
N GLU A 217 -33.93 -1.41 -14.40
CA GLU A 217 -33.79 -0.30 -15.35
C GLU A 217 -32.37 -0.01 -15.81
N LEU A 218 -32.27 0.36 -17.08
CA LEU A 218 -30.98 0.59 -17.70
C LEU A 218 -30.68 2.07 -17.73
N ARG A 219 -29.82 2.52 -16.83
CA ARG A 219 -29.46 3.93 -16.83
C ARG A 219 -28.20 4.24 -17.61
N ASP A 220 -28.29 5.34 -18.33
CA ASP A 220 -27.24 5.87 -19.15
C ASP A 220 -26.01 6.32 -18.40
N ALA A 221 -24.98 6.65 -19.20
CA ALA A 221 -23.76 7.31 -18.74
C ALA A 221 -24.05 8.59 -17.96
N ASP A 222 -24.92 9.41 -18.52
CA ASP A 222 -25.39 10.61 -17.86
C ASP A 222 -26.70 10.35 -17.10
N GLN A 223 -26.97 9.07 -16.85
CA GLN A 223 -27.90 8.66 -15.80
C GLN A 223 -29.37 8.66 -16.21
N GLN A 224 -29.64 8.71 -17.51
CA GLN A 224 -31.03 8.73 -17.92
C GLN A 224 -31.51 7.33 -18.28
N VAL A 225 -32.76 7.05 -17.94
CA VAL A 225 -33.29 5.71 -18.03
C VAL A 225 -33.62 5.29 -19.46
N VAL A 226 -32.67 4.61 -20.09
CA VAL A 226 -32.77 4.20 -21.49
C VAL A 226 -33.69 2.99 -21.74
N ALA A 227 -34.00 2.23 -20.70
CA ALA A 227 -34.98 1.13 -20.79
C ALA A 227 -35.36 0.48 -19.45
N THR A 228 -36.43 -0.32 -19.47
CA THR A 228 -37.10 -0.82 -18.27
C THR A 228 -37.49 -2.30 -18.41
N GLY A 229 -37.67 -2.97 -17.27
CA GLY A 229 -37.95 -4.39 -17.28
C GLY A 229 -38.62 -4.89 -16.01
N GLN A 230 -39.49 -5.87 -16.17
CA GLN A 230 -40.16 -6.46 -15.04
C GLN A 230 -40.11 -7.98 -15.17
N GLY A 231 -40.22 -8.66 -14.03
CA GLY A 231 -40.11 -10.10 -14.04
C GLY A 231 -38.88 -10.49 -13.26
N THR A 232 -38.86 -11.73 -12.81
CA THR A 232 -37.83 -12.16 -11.87
C THR A 232 -36.51 -12.71 -12.33
N SER A 233 -36.55 -13.70 -13.22
CA SER A 233 -35.36 -14.49 -13.49
C SER A 233 -35.16 -14.38 -14.98
N GLY A 234 -36.02 -13.58 -15.60
CA GLY A 234 -36.04 -13.48 -17.03
C GLY A 234 -36.46 -12.09 -17.41
N THR A 235 -35.71 -11.54 -18.35
CA THR A 235 -36.03 -10.29 -19.00
C THR A 235 -35.03 -10.13 -20.17
N LEU A 236 -35.28 -9.12 -20.97
CA LEU A 236 -34.48 -8.83 -22.14
C LEU A 236 -34.89 -7.38 -22.34
N GLN A 237 -33.94 -6.55 -22.75
CA GLN A 237 -34.15 -5.12 -22.86
C GLN A 237 -33.55 -4.76 -24.19
N VAL A 238 -34.23 -3.95 -25.00
CA VAL A 238 -33.62 -3.51 -26.25
C VAL A 238 -33.24 -1.98 -26.20
N VAL A 239 -32.28 -1.55 -27.04
CA VAL A 239 -31.51 -0.30 -26.87
C VAL A 239 -30.84 0.26 -28.16
N ASN A 240 -30.86 1.57 -28.46
CA ASN A 240 -29.92 2.12 -29.50
C ASN A 240 -28.64 2.66 -28.87
N PRO A 241 -27.52 1.93 -29.07
CA PRO A 241 -26.55 1.92 -27.99
C PRO A 241 -25.17 2.41 -28.34
N HIS A 242 -24.52 2.97 -27.32
CA HIS A 242 -23.09 3.19 -27.35
C HIS A 242 -22.44 1.93 -26.77
N LEU A 243 -21.84 1.15 -27.65
CA LEU A 243 -21.21 -0.10 -27.27
C LEU A 243 -20.01 0.13 -26.36
N TRP A 244 -19.67 -0.90 -25.59
CA TRP A 244 -18.46 -0.89 -24.79
C TRP A 244 -17.39 -1.34 -25.76
N GLN A 245 -16.31 -0.59 -25.83
CA GLN A 245 -15.39 -0.72 -26.93
C GLN A 245 -13.98 -0.67 -26.40
N PRO A 246 -13.11 -1.56 -26.90
CA PRO A 246 -11.73 -1.62 -26.40
C PRO A 246 -11.13 -0.26 -26.07
N GLY A 247 -11.24 0.74 -26.93
CA GLY A 247 -10.62 2.02 -26.59
C GLY A 247 -11.12 2.46 -25.22
N GLU A 248 -12.43 2.60 -25.09
CA GLU A 248 -13.04 3.46 -24.08
C GLU A 248 -14.05 2.84 -23.12
N GLY A 249 -14.56 1.69 -23.50
CA GLY A 249 -15.49 0.96 -22.65
C GLY A 249 -16.68 1.66 -22.05
N TYR A 250 -17.46 2.32 -22.89
CA TYR A 250 -18.72 2.95 -22.45
C TYR A 250 -19.59 2.03 -21.58
N LEU A 251 -20.12 2.56 -20.48
CA LEU A 251 -20.96 1.73 -19.60
C LEU A 251 -22.34 2.29 -19.25
N TYR A 252 -23.35 1.50 -19.57
CA TYR A 252 -24.66 1.71 -19.01
C TYR A 252 -24.63 1.13 -17.60
N GLU A 253 -25.71 1.31 -16.87
CA GLU A 253 -25.79 0.72 -15.54
C GLU A 253 -27.14 0.06 -15.35
N LEU A 254 -27.13 -1.22 -15.00
CA LEU A 254 -28.38 -1.91 -14.73
C LEU A 254 -28.68 -1.91 -13.24
N CYS A 255 -29.93 -1.60 -12.94
CA CYS A 255 -30.35 -1.27 -11.62
C CYS A 255 -31.38 -2.33 -11.21
N VAL A 256 -31.01 -3.13 -10.20
CA VAL A 256 -31.84 -4.25 -9.80
C VAL A 256 -32.57 -3.97 -8.50
N THR A 257 -33.89 -4.12 -8.52
CA THR A 257 -34.65 -3.93 -7.32
C THR A 257 -35.40 -5.21 -6.97
N ALA A 258 -35.17 -5.69 -5.75
CA ALA A 258 -35.98 -6.76 -5.17
C ALA A 258 -36.98 -6.12 -4.20
N LYS A 259 -38.28 -6.28 -4.45
CA LYS A 259 -39.32 -5.71 -3.57
C LYS A 259 -40.10 -6.77 -2.80
N SER A 260 -40.11 -6.68 -1.48
CA SER A 260 -41.10 -7.38 -0.65
C SER A 260 -42.32 -6.51 -0.52
N GLN A 261 -43.25 -6.94 0.32
CA GLN A 261 -44.33 -6.06 0.75
C GLN A 261 -43.80 -5.01 1.75
N THR A 262 -42.85 -5.41 2.61
CA THR A 262 -42.30 -4.47 3.57
C THR A 262 -40.94 -3.89 3.20
N GLU A 263 -40.02 -4.77 2.83
CA GLU A 263 -38.62 -4.42 2.75
C GLU A 263 -38.19 -4.27 1.29
N CYS A 264 -37.12 -3.51 1.07
CA CYS A 264 -36.71 -3.13 -0.27
C CYS A 264 -35.21 -3.32 -0.50
N ASP A 265 -34.79 -3.87 -1.65
CA ASP A 265 -33.34 -3.88 -2.03
C ASP A 265 -32.95 -3.41 -3.45
N ILE A 266 -31.82 -2.70 -3.48
CA ILE A 266 -31.34 -2.00 -4.67
C ILE A 266 -29.88 -2.34 -5.04
N TYR A 267 -29.67 -2.85 -6.25
CA TYR A 267 -28.31 -3.21 -6.66
C TYR A 267 -27.97 -2.71 -8.06
N PRO A 268 -26.97 -1.81 -8.14
CA PRO A 268 -26.41 -1.31 -9.41
C PRO A 268 -25.35 -2.27 -9.95
N LEU A 269 -25.54 -2.71 -11.18
CA LEU A 269 -24.57 -3.54 -11.87
C LEU A 269 -24.11 -2.79 -13.11
N ARG A 270 -22.80 -2.57 -13.24
CA ARG A 270 -22.30 -1.88 -14.43
C ARG A 270 -22.39 -2.82 -15.62
N VAL A 271 -22.86 -2.31 -16.74
CA VAL A 271 -23.03 -3.12 -17.93
C VAL A 271 -22.28 -2.51 -19.10
N GLY A 272 -21.50 -3.33 -19.80
CA GLY A 272 -20.89 -2.87 -21.03
C GLY A 272 -21.49 -3.63 -22.18
N ILE A 273 -22.09 -2.91 -23.12
CA ILE A 273 -22.77 -3.56 -24.22
C ILE A 273 -21.80 -3.96 -25.32
N ARG A 274 -21.50 -5.26 -25.41
CA ARG A 274 -20.52 -5.71 -26.40
C ARG A 274 -20.55 -7.22 -26.65
N SER A 275 -20.24 -7.61 -27.88
CA SER A 275 -20.18 -9.02 -28.23
C SER A 275 -18.74 -9.43 -28.47
N VAL A 276 -18.49 -10.69 -28.18
CA VAL A 276 -17.17 -11.29 -28.27
C VAL A 276 -17.39 -12.62 -28.96
N ALA A 277 -16.69 -12.85 -30.07
CA ALA A 277 -16.74 -14.17 -30.72
C ALA A 277 -15.56 -14.42 -31.61
N VAL A 278 -15.21 -15.70 -31.73
CA VAL A 278 -14.28 -16.14 -32.74
C VAL A 278 -15.02 -16.42 -34.03
N LYS A 279 -14.51 -15.90 -35.15
CA LYS A 279 -15.00 -16.25 -36.48
C LYS A 279 -13.82 -16.70 -37.34
N GLY A 280 -13.60 -18.01 -37.44
CA GLY A 280 -12.45 -18.53 -38.14
C GLY A 280 -11.18 -18.20 -37.39
N GLU A 281 -10.30 -17.46 -38.04
CA GLU A 281 -8.98 -17.12 -37.49
C GLU A 281 -8.93 -15.74 -36.88
N GLN A 282 -10.09 -15.16 -36.71
CA GLN A 282 -10.22 -13.81 -36.22
C GLN A 282 -10.88 -13.85 -34.88
N PHE A 283 -10.60 -12.81 -34.11
CA PHE A 283 -11.24 -12.66 -32.83
C PHE A 283 -12.04 -11.37 -32.92
N LEU A 284 -13.35 -11.50 -32.82
CA LEU A 284 -14.21 -10.38 -33.06
C LEU A 284 -14.73 -9.77 -31.78
N ILE A 285 -14.56 -8.47 -31.67
CA ILE A 285 -15.22 -7.70 -30.62
C ILE A 285 -16.09 -6.68 -31.30
N ASN A 286 -17.36 -6.67 -30.90
CA ASN A 286 -18.39 -5.92 -31.63
C ASN A 286 -18.25 -6.10 -33.14
N HIS A 287 -18.02 -7.35 -33.53
CA HIS A 287 -18.06 -7.77 -34.93
C HIS A 287 -16.86 -7.30 -35.74
N LYS A 288 -15.82 -6.85 -35.06
CA LYS A 288 -14.63 -6.31 -35.69
C LYS A 288 -13.41 -7.14 -35.28
N PRO A 289 -12.53 -7.45 -36.25
CA PRO A 289 -11.30 -8.16 -35.86
C PRO A 289 -10.50 -7.27 -34.92
N PHE A 290 -10.08 -7.85 -33.81
CA PHE A 290 -9.29 -7.18 -32.81
C PHE A 290 -7.91 -7.80 -32.75
N TYR A 291 -6.93 -7.02 -32.33
CA TYR A 291 -5.58 -7.53 -32.13
C TYR A 291 -5.08 -7.15 -30.74
N PHE A 292 -4.81 -8.17 -29.92
CA PHE A 292 -4.30 -7.97 -28.56
C PHE A 292 -2.84 -7.51 -28.53
N THR A 293 -2.53 -6.51 -27.69
CA THR A 293 -1.16 -6.26 -27.32
C THR A 293 -1.12 -6.21 -25.82
N GLY A 294 0.04 -6.44 -25.22
CA GLY A 294 0.11 -6.27 -23.79
C GLY A 294 0.72 -7.48 -23.14
N PHE A 295 0.41 -7.67 -21.86
CA PHE A 295 1.21 -8.54 -21.04
C PHE A 295 0.49 -9.73 -20.43
N GLY A 296 1.26 -10.74 -20.04
CA GLY A 296 0.86 -11.58 -18.93
C GLY A 296 1.42 -10.85 -17.74
N ARG A 297 0.64 -10.73 -16.67
CA ARG A 297 1.11 -10.01 -15.50
C ARG A 297 1.05 -11.00 -14.33
N HIS A 298 1.56 -10.57 -13.19
CA HIS A 298 1.42 -11.28 -11.93
C HIS A 298 0.90 -10.37 -10.86
N GLU A 299 0.47 -10.94 -9.75
CA GLU A 299 0.21 -10.12 -8.59
C GLU A 299 1.44 -10.23 -7.66
N ASP A 300 2.25 -9.19 -7.65
CA ASP A 300 3.55 -9.26 -7.01
C ASP A 300 4.09 -7.84 -6.94
N ALA A 301 4.79 -7.57 -5.84
CA ALA A 301 5.45 -6.32 -5.62
C ALA A 301 6.25 -6.55 -4.34
N ASP A 302 7.22 -5.68 -4.11
CA ASP A 302 8.01 -5.70 -2.89
C ASP A 302 7.13 -5.54 -1.65
N LEU A 303 7.54 -6.27 -0.64
CA LEU A 303 7.01 -6.25 0.68
C LEU A 303 5.66 -6.90 0.82
N ARG A 304 4.69 -6.43 0.06
CA ARG A 304 3.34 -6.93 0.12
C ARG A 304 3.06 -8.22 -0.59
N GLY A 305 4.00 -8.79 -1.30
CA GLY A 305 3.70 -10.00 -2.04
C GLY A 305 2.63 -9.85 -3.08
N LYS A 306 1.59 -10.64 -2.95
CA LYS A 306 0.44 -10.61 -3.81
C LYS A 306 -0.64 -9.81 -3.17
N GLY A 307 -0.30 -9.15 -2.10
CA GLY A 307 -1.27 -8.34 -1.41
C GLY A 307 -1.80 -7.29 -2.38
N PHE A 308 -3.09 -7.07 -2.40
CA PHE A 308 -3.62 -6.06 -3.28
C PHE A 308 -3.17 -4.70 -2.79
N ASP A 309 -3.05 -3.74 -3.72
CA ASP A 309 -2.70 -2.34 -3.38
C ASP A 309 -3.09 -1.32 -4.44
N ASN A 310 -3.88 -0.33 -4.02
CA ASN A 310 -4.38 0.74 -4.88
C ASN A 310 -3.33 1.61 -5.63
N VAL A 311 -2.30 2.10 -4.94
CA VAL A 311 -1.30 2.97 -5.60
C VAL A 311 -0.65 2.16 -6.73
N LEU A 312 -0.19 0.95 -6.40
CA LEU A 312 0.39 0.00 -7.35
C LEU A 312 -0.50 -0.21 -8.60
N VAL A 314 -2.96 1.82 -9.79
CA VAL A 314 -3.04 3.03 -10.59
C VAL A 314 -1.75 3.25 -11.36
N HIS A 315 -0.62 2.98 -10.71
CA HIS A 315 0.68 3.15 -11.37
C HIS A 315 0.89 2.16 -12.54
N ASP A 316 0.68 0.86 -12.33
CA ASP A 316 0.84 -0.12 -13.43
C ASP A 316 -0.08 0.20 -14.59
N HIS A 317 -1.26 0.73 -14.31
CA HIS A 317 -2.17 1.07 -15.40
C HIS A 317 -1.75 2.32 -16.14
N ALA A 318 -1.14 3.28 -15.45
CA ALA A 318 -0.55 4.39 -16.19
C ALA A 318 0.58 3.84 -17.05
N LEU A 319 1.39 2.93 -16.52
CA LEU A 319 2.45 2.33 -17.34
C LEU A 319 1.97 1.59 -18.61
N ASP A 321 -0.92 1.90 -20.13
CA ASP A 321 -1.53 2.90 -21.00
C ASP A 321 -0.44 3.62 -21.78
N TRP A 322 0.53 4.17 -21.05
CA TRP A 322 1.65 4.82 -21.71
C TRP A 322 2.26 3.89 -22.77
N ILE A 323 2.50 2.63 -22.44
CA ILE A 323 3.26 1.78 -23.34
C ILE A 323 2.45 1.31 -24.55
N GLY A 324 1.13 1.48 -24.52
CA GLY A 324 0.32 1.16 -25.68
C GLY A 324 -0.35 -0.21 -25.59
N ALA A 325 -0.25 -0.85 -24.44
CA ALA A 325 -0.89 -2.13 -24.21
C ALA A 325 -2.40 -1.97 -24.22
N ASN A 326 -3.10 -2.83 -24.94
CA ASN A 326 -4.56 -2.83 -24.89
C ASN A 326 -5.13 -4.03 -24.14
N SER A 327 -4.27 -4.88 -23.57
CA SER A 327 -4.81 -6.04 -22.85
C SER A 327 -3.84 -6.75 -21.93
N TYR A 328 -4.38 -7.69 -21.15
CA TYR A 328 -3.57 -8.65 -20.41
C TYR A 328 -4.28 -9.97 -20.11
N ARG A 329 -3.53 -10.89 -19.53
CA ARG A 329 -4.09 -12.14 -19.03
C ARG A 329 -3.83 -12.09 -17.52
N THR A 330 -4.79 -12.56 -16.75
CA THR A 330 -4.57 -12.66 -15.32
C THR A 330 -3.79 -13.95 -15.47
N SER A 331 -2.46 -13.82 -15.48
CA SER A 331 -1.58 -14.98 -15.55
C SER A 331 -2.13 -15.43 -14.23
N HIS A 332 -2.21 -16.76 -14.28
CA HIS A 332 -1.97 -17.79 -13.28
C HIS A 332 -2.92 -18.04 -12.15
N TYR A 333 -3.86 -17.08 -12.01
CA TYR A 333 -4.86 -17.17 -10.95
C TYR A 333 -5.85 -16.01 -11.16
N PRO A 334 -7.03 -16.06 -10.53
CA PRO A 334 -7.91 -14.91 -10.65
C PRO A 334 -7.33 -13.66 -9.93
N TYR A 335 -7.39 -12.50 -10.57
CA TYR A 335 -6.92 -11.27 -9.92
C TYR A 335 -8.00 -10.58 -9.09
N ALA A 336 -7.53 -9.66 -8.26
CA ALA A 336 -8.41 -8.78 -7.51
C ALA A 336 -9.47 -8.20 -8.46
N GLU A 337 -10.72 -8.35 -8.05
CA GLU A 337 -11.86 -7.82 -8.78
C GLU A 337 -11.68 -6.35 -9.14
N GLU A 338 -11.12 -5.56 -8.22
CA GLU A 338 -10.72 -4.17 -8.51
C GLU A 338 -10.00 -4.07 -9.80
N LEU A 340 -10.48 -5.87 -12.41
CA LEU A 340 -11.48 -6.00 -13.49
C LEU A 340 -12.46 -4.84 -13.61
N ASP A 341 -12.88 -4.27 -12.48
CA ASP A 341 -13.63 -3.01 -12.52
C ASP A 341 -12.80 -1.96 -13.28
N TRP A 342 -11.53 -1.82 -12.94
CA TRP A 342 -10.70 -0.89 -13.71
C TRP A 342 -10.77 -1.20 -15.20
N ALA A 343 -10.65 -2.48 -15.56
CA ALA A 343 -10.62 -2.84 -16.96
C ALA A 343 -11.90 -2.43 -17.61
N ASP A 344 -13.00 -2.73 -16.93
CA ASP A 344 -14.35 -2.42 -17.38
C ASP A 344 -14.46 -0.97 -17.73
N GLU A 345 -14.02 -0.15 -16.81
CA GLU A 345 -14.18 1.27 -16.95
C GLU A 345 -13.27 1.88 -18.01
N HIS A 346 -12.05 1.39 -18.15
CA HIS A 346 -11.12 1.96 -19.13
C HIS A 346 -11.07 1.23 -20.47
N GLY A 347 -11.94 0.25 -20.67
CA GLY A 347 -11.96 -0.49 -21.92
C GLY A 347 -10.73 -1.35 -22.16
N ILE A 348 -10.18 -1.93 -21.10
CA ILE A 348 -9.06 -2.87 -21.24
C ILE A 348 -9.60 -4.28 -21.44
N VAL A 349 -8.99 -5.01 -22.38
CA VAL A 349 -9.44 -6.35 -22.74
C VAL A 349 -8.70 -7.37 -21.89
N VAL A 350 -9.41 -8.30 -21.27
CA VAL A 350 -8.74 -9.19 -20.35
C VAL A 350 -8.95 -10.67 -20.68
N ILE A 351 -7.92 -11.47 -20.50
CA ILE A 351 -8.07 -12.91 -20.57
C ILE A 351 -8.00 -13.42 -19.17
N ASP A 352 -9.12 -13.98 -18.71
CA ASP A 352 -9.27 -14.31 -17.31
C ASP A 352 -8.91 -15.78 -17.11
N GLU A 353 -8.05 -16.06 -16.13
CA GLU A 353 -7.45 -17.37 -16.05
C GLU A 353 -7.58 -18.03 -14.66
N THR A 354 -7.86 -19.35 -14.62
CA THR A 354 -7.86 -20.03 -13.32
C THR A 354 -6.45 -20.13 -12.74
N ALA A 355 -6.39 -20.63 -11.51
CA ALA A 355 -5.13 -20.90 -10.83
C ALA A 355 -4.55 -22.29 -11.19
N ALA A 356 -5.04 -22.91 -12.26
CA ALA A 356 -4.59 -24.25 -12.63
C ALA A 356 -3.31 -24.29 -13.49
N VAL A 357 -2.21 -23.78 -12.96
CA VAL A 357 -0.90 -23.93 -13.55
C VAL A 357 -0.22 -25.08 -12.82
N GLY A 358 0.81 -25.68 -13.40
CA GLY A 358 1.55 -26.71 -12.70
C GLY A 358 1.17 -28.17 -13.01
N PHE A 359 0.19 -28.38 -13.89
CA PHE A 359 -0.19 -29.75 -14.27
C PHE A 359 0.93 -30.62 -14.81
N ASN A 360 2.08 -30.00 -15.02
CA ASN A 360 3.18 -30.65 -15.69
C ASN A 360 4.36 -31.06 -14.81
N LEU A 361 4.85 -32.28 -14.98
CA LEU A 361 5.96 -32.78 -14.20
C LEU A 361 7.24 -32.67 -15.03
N SER A 362 7.10 -32.09 -16.24
CA SER A 362 8.21 -32.01 -17.19
C SER A 362 9.00 -30.69 -17.23
N LEU A 363 8.52 -29.65 -16.56
CA LEU A 363 9.28 -28.42 -16.41
C LEU A 363 9.97 -28.61 -15.09
N GLY A 364 11.01 -29.44 -15.09
CA GLY A 364 11.79 -29.54 -13.89
C GLY A 364 12.91 -28.56 -14.16
N ILE A 365 13.53 -28.08 -13.10
CA ILE A 365 14.89 -27.61 -13.21
C ILE A 365 15.67 -28.91 -13.22
N GLY A 366 16.96 -28.85 -13.50
CA GLY A 366 17.74 -30.06 -13.53
C GLY A 366 18.07 -30.77 -12.23
N PHE A 367 18.24 -32.08 -12.37
CA PHE A 367 19.14 -32.92 -11.54
C PHE A 367 19.01 -33.14 -10.02
N GLU A 368 18.00 -32.60 -9.38
CA GLU A 368 17.62 -33.15 -8.09
C GLU A 368 16.74 -34.34 -8.46
N ALA A 369 17.33 -35.53 -8.48
CA ALA A 369 16.68 -36.66 -9.11
C ALA A 369 15.20 -36.80 -8.76
N GLY A 370 14.86 -36.56 -7.50
CA GLY A 370 13.54 -36.97 -7.05
C GLY A 370 12.64 -36.06 -6.25
N ASN A 371 11.40 -36.51 -6.15
CA ASN A 371 10.95 -37.58 -7.01
C ASN A 371 9.46 -37.46 -7.10
N LYS A 372 8.98 -37.65 -8.30
CA LYS A 372 7.68 -37.14 -8.65
C LYS A 372 6.98 -38.28 -9.33
N PRO A 373 5.68 -38.42 -9.07
CA PRO A 373 4.90 -39.49 -9.68
C PRO A 373 5.22 -39.59 -11.15
N LYS A 374 5.35 -40.81 -11.66
CA LYS A 374 5.75 -40.99 -13.05
C LYS A 374 4.61 -40.87 -14.04
N GLU A 375 3.38 -40.99 -13.55
CA GLU A 375 2.23 -40.76 -14.41
C GLU A 375 1.44 -39.55 -13.93
N LEU A 376 1.45 -38.49 -14.74
CA LEU A 376 0.77 -37.23 -14.44
C LEU A 376 -0.72 -37.40 -14.17
N TYR A 377 -1.39 -38.10 -15.07
CA TYR A 377 -2.81 -38.38 -14.91
C TYR A 377 -2.89 -39.78 -14.33
N SER A 378 -2.84 -39.84 -13.01
CA SER A 378 -2.95 -41.12 -12.30
C SER A 378 -3.57 -40.89 -10.93
N GLU A 379 -4.07 -41.95 -10.30
CA GLU A 379 -4.68 -41.79 -8.99
C GLU A 379 -3.71 -41.21 -7.97
N GLU A 380 -2.41 -41.46 -8.15
CA GLU A 380 -1.36 -40.92 -7.23
C GLU A 380 -1.36 -39.39 -7.45
N ALA A 381 -1.19 -38.97 -8.71
CA ALA A 381 -1.21 -37.54 -9.09
C ALA A 381 -2.19 -36.45 -9.54
N VAL A 382 -2.93 -36.68 -10.61
CA VAL A 382 -3.87 -35.68 -11.15
C VAL A 382 -5.01 -36.64 -11.40
N ASN A 383 -5.98 -36.69 -10.49
CA ASN A 383 -7.00 -37.72 -10.56
C ASN A 383 -8.43 -37.16 -10.46
N GLY A 384 -9.42 -38.05 -10.50
CA GLY A 384 -10.81 -37.64 -10.45
C GLY A 384 -11.13 -36.51 -9.48
N GLU A 385 -10.61 -36.61 -8.26
CA GLU A 385 -10.73 -35.51 -7.29
C GLU A 385 -10.14 -34.21 -7.81
N THR A 386 -8.97 -34.29 -8.45
CA THR A 386 -8.32 -33.09 -8.96
C THR A 386 -9.23 -32.44 -9.98
N GLN A 387 -9.76 -33.25 -10.89
CA GLN A 387 -10.66 -32.74 -11.90
C GLN A 387 -11.87 -32.09 -11.26
N GLN A 388 -12.31 -32.60 -10.11
CA GLN A 388 -13.43 -31.96 -9.42
C GLN A 388 -13.01 -30.60 -8.88
N ALA A 389 -11.82 -30.55 -8.28
CA ALA A 389 -11.36 -29.35 -7.61
C ALA A 389 -11.08 -28.28 -8.66
N HIS A 390 -10.74 -28.75 -9.86
CA HIS A 390 -10.52 -27.94 -11.05
C HIS A 390 -11.82 -27.38 -11.60
N LEU A 391 -12.81 -28.25 -11.76
CA LEU A 391 -14.14 -27.81 -12.16
C LEU A 391 -14.66 -26.76 -11.19
N GLN A 392 -14.45 -26.98 -9.90
CA GLN A 392 -14.84 -26.04 -8.86
C GLN A 392 -14.15 -24.69 -9.07
N ALA A 393 -12.86 -24.72 -9.40
CA ALA A 393 -12.10 -23.51 -9.59
C ALA A 393 -12.66 -22.75 -10.78
N ILE A 394 -13.06 -23.49 -11.81
CA ILE A 394 -13.70 -22.84 -12.95
C ILE A 394 -15.02 -22.19 -12.54
N LYS A 395 -15.93 -22.96 -11.94
CA LYS A 395 -17.19 -22.40 -11.44
C LYS A 395 -16.98 -21.11 -10.62
N GLU A 396 -16.16 -21.19 -9.58
CA GLU A 396 -15.99 -20.03 -8.70
C GLU A 396 -15.53 -18.81 -9.50
N LEU A 397 -14.61 -19.02 -10.44
CA LEU A 397 -14.09 -17.90 -11.25
C LEU A 397 -15.17 -17.26 -12.11
N ILE A 398 -15.94 -18.08 -12.81
CA ILE A 398 -16.98 -17.57 -13.72
C ILE A 398 -18.13 -16.88 -12.94
N ALA A 399 -18.53 -17.49 -11.81
CA ALA A 399 -19.54 -16.89 -10.93
C ALA A 399 -19.15 -15.49 -10.55
N ARG A 400 -17.85 -15.28 -10.38
CA ARG A 400 -17.37 -13.99 -9.95
C ARG A 400 -17.39 -13.02 -11.11
N ASP A 401 -16.88 -13.47 -12.26
CA ASP A 401 -16.48 -12.57 -13.33
C ASP A 401 -17.38 -12.49 -14.55
N LYS A 402 -18.51 -13.19 -14.52
CA LYS A 402 -19.33 -13.36 -15.72
C LYS A 402 -19.94 -12.06 -16.28
N ASN A 403 -20.10 -11.03 -15.45
CA ASN A 403 -20.71 -9.77 -15.90
C ASN A 403 -19.67 -8.71 -16.23
N HIS A 404 -18.43 -9.12 -16.19
CA HIS A 404 -17.35 -8.16 -16.49
C HIS A 404 -17.21 -8.01 -18.01
N PRO A 405 -17.62 -6.87 -18.56
CA PRO A 405 -17.50 -6.84 -20.00
C PRO A 405 -16.02 -6.87 -20.41
N SER A 406 -15.10 -6.50 -19.53
CA SER A 406 -13.69 -6.54 -19.92
C SER A 406 -13.22 -7.96 -20.17
N VAL A 407 -13.89 -8.96 -19.59
CA VAL A 407 -13.49 -10.34 -19.82
C VAL A 407 -14.03 -10.86 -21.15
N VAL A 408 -13.13 -11.21 -22.04
CA VAL A 408 -13.48 -11.60 -23.39
C VAL A 408 -13.20 -13.09 -23.64
N TRP A 410 -12.08 -17.08 -21.35
CA TRP A 410 -11.63 -17.80 -20.15
C TRP A 410 -10.51 -18.76 -20.47
N SER A 411 -9.44 -18.68 -19.71
CA SER A 411 -8.38 -19.66 -19.81
C SER A 411 -8.41 -20.60 -18.62
N ILE A 412 -8.42 -21.88 -18.92
CA ILE A 412 -8.78 -22.93 -17.98
C ILE A 412 -7.57 -23.48 -17.21
N ALA A 413 -6.40 -23.23 -17.77
CA ALA A 413 -5.17 -23.85 -17.30
C ALA A 413 -4.03 -23.28 -18.13
N ASN A 414 -2.83 -23.32 -17.55
CA ASN A 414 -1.63 -22.78 -18.17
C ASN A 414 -0.57 -23.86 -18.28
N GLU A 415 -0.20 -24.27 -19.49
CA GLU A 415 0.93 -25.21 -19.65
C GLU A 415 0.78 -26.58 -18.95
N PRO A 416 -0.37 -27.23 -19.08
CA PRO A 416 -0.46 -28.63 -18.70
C PRO A 416 0.39 -29.46 -19.68
N ASP A 417 1.05 -30.52 -19.20
CA ASP A 417 1.66 -31.55 -20.09
C ASP A 417 0.59 -32.39 -20.77
N THR A 418 0.41 -32.23 -22.08
CA THR A 418 -0.67 -32.90 -22.76
C THR A 418 -0.21 -34.16 -23.51
N ARG A 419 1.05 -34.54 -23.36
CA ARG A 419 1.52 -35.70 -24.10
C ARG A 419 0.94 -37.01 -23.56
N PRO A 420 1.05 -37.25 -22.24
CA PRO A 420 0.54 -38.48 -21.63
C PRO A 420 -0.92 -38.71 -21.99
N GLN A 421 -1.28 -39.94 -22.34
CA GLN A 421 -2.67 -40.23 -22.72
C GLN A 421 -3.54 -40.01 -21.49
N GLY A 422 -4.79 -39.60 -21.67
CA GLY A 422 -5.56 -39.24 -20.50
C GLY A 422 -5.49 -37.76 -20.21
N ALA A 423 -4.49 -37.09 -20.77
CA ALA A 423 -4.54 -35.65 -20.79
C ALA A 423 -5.92 -35.28 -21.35
N ARG A 424 -6.23 -35.82 -22.53
CA ARG A 424 -7.48 -35.51 -23.23
C ARG A 424 -8.74 -35.97 -22.46
N GLU A 425 -8.59 -37.11 -21.82
CA GLU A 425 -9.59 -37.66 -20.95
C GLU A 425 -9.89 -36.71 -19.80
N TYR A 426 -8.83 -36.08 -19.28
CA TYR A 426 -8.98 -35.17 -18.16
C TYR A 426 -9.57 -33.80 -18.59
N PHE A 427 -9.17 -33.29 -19.75
CA PHE A 427 -9.58 -31.92 -20.14
C PHE A 427 -10.90 -31.79 -20.91
N ALA A 428 -11.27 -32.79 -21.70
CA ALA A 428 -12.50 -32.72 -22.46
C ALA A 428 -13.72 -32.38 -21.59
N PRO A 429 -13.90 -33.09 -20.48
CA PRO A 429 -15.08 -32.74 -19.69
C PRO A 429 -15.00 -31.35 -19.03
N LEU A 430 -13.78 -30.80 -18.87
CA LEU A 430 -13.64 -29.49 -18.27
C LEU A 430 -13.97 -28.44 -19.31
N ALA A 431 -13.41 -28.62 -20.50
CA ALA A 431 -13.79 -27.81 -21.64
C ALA A 431 -15.32 -27.73 -21.78
N GLU A 432 -15.97 -28.89 -21.82
CA GLU A 432 -17.43 -28.97 -21.92
C GLU A 432 -18.13 -28.24 -20.78
N ALA A 433 -17.76 -28.55 -19.55
CA ALA A 433 -18.42 -27.89 -18.42
C ALA A 433 -18.30 -26.38 -18.52
N THR A 434 -17.11 -25.88 -18.88
CA THR A 434 -16.86 -24.45 -18.90
C THR A 434 -17.78 -23.73 -19.88
N ARG A 435 -18.01 -24.33 -21.05
CA ARG A 435 -18.86 -23.70 -22.05
C ARG A 435 -20.27 -23.60 -21.51
N LYS A 436 -20.73 -24.65 -20.85
CA LYS A 436 -22.09 -24.66 -20.33
C LYS A 436 -22.21 -23.54 -19.29
N LEU A 437 -21.19 -23.39 -18.45
CA LEU A 437 -21.21 -22.39 -17.39
C LEU A 437 -21.30 -20.98 -17.95
N ASP A 438 -20.59 -20.73 -19.03
CA ASP A 438 -20.75 -19.44 -19.66
C ASP A 438 -20.60 -19.78 -21.12
N PRO A 439 -21.68 -19.58 -21.87
CA PRO A 439 -21.80 -19.83 -23.31
C PRO A 439 -21.40 -18.54 -24.05
N THR A 440 -21.14 -17.46 -23.33
CA THR A 440 -20.94 -16.17 -23.99
C THR A 440 -19.49 -15.76 -24.34
N ARG A 441 -18.50 -16.54 -23.92
CA ARG A 441 -17.13 -16.19 -24.26
C ARG A 441 -16.35 -17.40 -24.76
N PRO A 442 -15.46 -17.18 -25.73
CA PRO A 442 -14.51 -18.20 -26.15
C PRO A 442 -13.74 -18.71 -24.96
N ILE A 443 -13.08 -19.84 -25.17
CA ILE A 443 -12.46 -20.59 -24.08
C ILE A 443 -11.06 -21.04 -24.59
N THR A 444 -10.08 -21.13 -23.70
CA THR A 444 -8.76 -21.55 -24.09
C THR A 444 -8.06 -22.28 -22.96
N CYS A 445 -6.89 -22.83 -23.29
CA CYS A 445 -6.03 -23.51 -22.34
C CYS A 445 -4.63 -23.19 -22.85
N VAL A 446 -3.81 -22.51 -22.05
CA VAL A 446 -2.53 -21.99 -22.56
C VAL A 446 -1.49 -23.11 -22.76
N ASN A 447 -0.81 -23.06 -23.90
CA ASN A 447 -0.05 -24.22 -24.35
C ASN A 447 1.46 -24.10 -24.17
N VAL A 448 2.07 -25.14 -23.58
CA VAL A 448 3.51 -25.19 -23.30
C VAL A 448 4.30 -25.73 -24.51
N PHE A 450 6.91 -27.52 -25.51
CA PHE A 450 7.27 -28.89 -25.85
C PHE A 450 6.04 -29.77 -26.16
N CYS A 451 4.84 -29.21 -26.02
CA CYS A 451 3.62 -29.83 -26.54
C CYS A 451 3.72 -28.78 -27.62
N ASP A 452 3.70 -29.26 -28.86
CA ASP A 452 4.01 -28.49 -30.03
C ASP A 452 2.93 -28.99 -30.96
N ALA A 453 2.90 -28.43 -32.17
CA ALA A 453 1.82 -28.71 -33.13
C ALA A 453 1.65 -30.20 -33.43
N HIS A 454 2.72 -30.98 -33.34
CA HIS A 454 2.66 -32.39 -33.68
C HIS A 454 2.41 -33.30 -32.48
N THR A 455 2.67 -32.81 -31.27
CA THR A 455 2.52 -33.68 -30.11
C THR A 455 1.33 -33.39 -29.20
N ASP A 456 0.79 -32.18 -29.30
CA ASP A 456 -0.26 -31.75 -28.39
C ASP A 456 -1.53 -32.57 -28.60
N THR A 457 -2.20 -32.98 -27.52
CA THR A 457 -3.43 -33.74 -27.69
C THR A 457 -4.74 -33.05 -27.31
N ILE A 458 -4.74 -31.73 -27.11
CA ILE A 458 -5.91 -31.09 -26.46
C ILE A 458 -6.53 -29.89 -27.16
N SER A 459 -5.78 -29.23 -28.03
CA SER A 459 -6.14 -27.88 -28.45
C SER A 459 -7.36 -27.77 -29.37
N ASP A 460 -7.75 -28.87 -30.02
CA ASP A 460 -8.97 -28.87 -30.83
C ASP A 460 -10.22 -28.63 -29.95
N LEU A 461 -10.14 -28.99 -28.67
CA LEU A 461 -11.26 -28.81 -27.75
C LEU A 461 -11.51 -27.37 -27.33
N PHE A 462 -10.62 -26.42 -27.66
CA PHE A 462 -10.83 -25.04 -27.26
C PHE A 462 -10.91 -24.08 -28.43
N ASP A 463 -11.29 -22.83 -28.17
CA ASP A 463 -11.65 -21.93 -29.27
C ASP A 463 -10.53 -21.12 -29.81
N VAL A 464 -9.63 -20.71 -28.93
CA VAL A 464 -8.50 -19.88 -29.35
C VAL A 464 -7.19 -20.51 -28.94
N LEU A 465 -6.23 -20.44 -29.83
CA LEU A 465 -4.93 -21.04 -29.55
C LEU A 465 -3.98 -20.01 -28.88
N CYS A 466 -3.66 -20.25 -27.61
CA CYS A 466 -2.76 -19.39 -26.86
C CYS A 466 -1.47 -20.15 -26.59
N LEU A 467 -0.36 -19.61 -27.10
CA LEU A 467 0.95 -20.26 -27.05
C LEU A 467 1.98 -19.52 -26.22
N ASN A 468 2.63 -20.25 -25.31
CA ASN A 468 3.80 -19.79 -24.57
C ASN A 468 5.08 -20.26 -25.30
N ARG A 469 5.81 -19.35 -25.97
CA ARG A 469 6.99 -19.74 -26.79
C ARG A 469 8.34 -19.08 -26.43
N TYR A 470 9.40 -19.88 -26.41
CA TYR A 470 10.71 -19.44 -25.91
C TYR A 470 11.94 -19.74 -26.77
N TYR A 471 11.70 -20.07 -28.03
CA TYR A 471 12.77 -20.24 -29.03
C TYR A 471 13.77 -19.08 -29.02
N GLY A 472 15.04 -19.37 -28.79
CA GLY A 472 16.07 -18.34 -28.76
C GLY A 472 16.60 -18.27 -27.34
N TRP A 473 15.70 -18.59 -26.39
CA TRP A 473 16.06 -18.68 -25.00
C TRP A 473 16.10 -19.96 -24.14
N TYR A 474 15.29 -20.98 -24.42
CA TYR A 474 15.27 -22.16 -23.52
C TYR A 474 15.85 -23.20 -24.47
N VAL A 475 15.77 -22.87 -25.74
CA VAL A 475 16.05 -23.80 -26.82
C VAL A 475 16.59 -22.88 -27.94
N GLN A 476 17.50 -23.38 -28.80
CA GLN A 476 18.28 -22.49 -29.67
C GLN A 476 18.89 -21.33 -28.89
N SER A 477 19.44 -21.56 -27.72
CA SER A 477 19.82 -20.44 -26.87
C SER A 477 20.76 -19.48 -27.56
N GLY A 478 20.30 -18.24 -27.71
CA GLY A 478 21.13 -17.12 -28.15
C GLY A 478 21.14 -16.94 -29.63
N ASP A 479 20.46 -17.84 -30.31
CA ASP A 479 20.55 -17.97 -31.77
C ASP A 479 19.26 -17.52 -32.41
N LEU A 480 19.23 -16.26 -32.82
CA LEU A 480 18.02 -15.63 -33.35
C LEU A 480 17.64 -16.13 -34.74
N GLU A 481 18.68 -16.28 -35.55
CA GLU A 481 18.60 -16.80 -36.90
C GLU A 481 17.80 -18.10 -36.89
N THR A 482 18.21 -19.04 -36.05
CA THR A 482 17.53 -20.32 -36.05
C THR A 482 16.28 -20.39 -35.16
N ALA A 483 16.27 -19.67 -34.05
CA ALA A 483 15.01 -19.45 -33.33
C ALA A 483 13.91 -18.96 -34.27
N GLU A 484 14.23 -18.02 -35.16
CA GLU A 484 13.21 -17.41 -36.04
C GLU A 484 12.62 -18.36 -37.08
N LYS A 485 13.45 -19.27 -37.59
CA LYS A 485 12.98 -20.27 -38.54
C LYS A 485 12.02 -21.25 -37.85
N VAL A 486 12.37 -21.64 -36.64
CA VAL A 486 11.60 -22.59 -35.89
C VAL A 486 10.26 -21.97 -35.43
N LEU A 487 10.29 -20.72 -34.98
CA LEU A 487 9.07 -20.05 -34.55
C LEU A 487 8.06 -20.04 -35.68
N GLU A 488 8.50 -19.59 -36.85
CA GLU A 488 7.58 -19.42 -37.98
C GLU A 488 7.00 -20.76 -38.50
N LYS A 489 7.85 -21.77 -38.56
CA LYS A 489 7.43 -23.06 -39.04
C LYS A 489 6.37 -23.63 -38.10
N GLU A 490 6.56 -23.41 -36.80
CA GLU A 490 5.64 -23.93 -35.79
C GLU A 490 4.32 -23.18 -35.79
N LEU A 491 4.37 -21.86 -35.86
CA LEU A 491 3.14 -21.08 -35.91
C LEU A 491 2.34 -21.47 -37.16
N LEU A 492 3.01 -21.65 -38.29
CA LEU A 492 2.29 -22.09 -39.49
C LEU A 492 1.66 -23.50 -39.31
N ALA A 493 2.40 -24.42 -38.68
CA ALA A 493 1.85 -25.74 -38.39
C ALA A 493 0.56 -25.66 -37.59
N TRP A 494 0.54 -24.80 -36.57
CA TRP A 494 -0.66 -24.62 -35.77
C TRP A 494 -1.79 -24.02 -36.58
N GLN A 495 -1.47 -23.08 -37.45
CA GLN A 495 -2.54 -22.44 -38.21
C GLN A 495 -3.19 -23.50 -39.11
N GLU A 496 -2.37 -24.30 -39.76
CA GLU A 496 -2.86 -25.28 -40.68
C GLU A 496 -3.53 -26.43 -39.92
N LYS A 497 -2.99 -26.82 -38.76
CA LYS A 497 -3.62 -27.86 -37.94
C LYS A 497 -5.03 -27.47 -37.50
N LEU A 498 -5.20 -26.27 -36.94
CA LEU A 498 -6.47 -25.96 -36.25
C LEU A 498 -7.28 -24.82 -36.83
N HIS A 499 -6.65 -23.95 -37.61
CA HIS A 499 -7.37 -22.81 -38.19
C HIS A 499 -8.14 -22.01 -37.14
N GLN A 500 -7.55 -21.88 -35.97
CA GLN A 500 -8.07 -21.03 -34.93
C GLN A 500 -7.25 -19.75 -34.91
N PRO A 501 -7.70 -18.74 -34.16
CA PRO A 501 -6.89 -17.53 -33.89
C PRO A 501 -5.77 -17.85 -32.92
N ILE A 502 -4.60 -17.27 -33.17
CA ILE A 502 -3.46 -17.55 -32.33
C ILE A 502 -3.07 -16.30 -31.55
N ILE A 503 -3.01 -16.42 -30.22
CA ILE A 503 -2.49 -15.35 -29.39
C ILE A 503 -1.24 -15.91 -28.79
N ILE A 504 -0.11 -15.22 -28.92
CA ILE A 504 1.06 -15.65 -28.18
C ILE A 504 0.96 -14.97 -26.82
N THR A 505 0.83 -15.78 -25.76
CA THR A 505 0.45 -15.28 -24.45
C THR A 505 1.64 -15.18 -23.53
N GLU A 506 2.75 -15.79 -23.98
CA GLU A 506 4.05 -15.57 -23.38
C GLU A 506 5.15 -15.59 -24.43
N TYR A 507 5.92 -14.50 -24.49
CA TYR A 507 7.21 -14.50 -25.17
C TYR A 507 8.07 -13.44 -24.48
N GLY A 508 9.29 -13.78 -24.13
CA GLY A 508 10.14 -12.87 -23.39
C GLY A 508 11.44 -13.54 -23.02
N VAL A 509 12.39 -12.73 -22.56
CA VAL A 509 13.70 -13.28 -22.15
C VAL A 509 14.19 -12.66 -20.85
N ASP A 510 14.96 -13.40 -20.06
CA ASP A 510 15.47 -12.77 -18.85
C ASP A 510 16.47 -11.68 -19.21
N THR A 511 16.27 -10.52 -18.59
CA THR A 511 17.05 -9.36 -18.88
C THR A 511 17.37 -8.67 -17.58
N LEU A 512 18.65 -8.66 -17.21
CA LEU A 512 19.09 -7.94 -16.02
C LEU A 512 19.18 -6.47 -16.33
N ALA A 513 18.35 -5.65 -15.69
CA ALA A 513 18.43 -4.19 -15.89
C ALA A 513 19.87 -3.73 -15.74
N GLY A 514 20.35 -2.94 -16.69
CA GLY A 514 21.70 -2.41 -16.59
C GLY A 514 22.81 -3.29 -17.15
N LEU A 515 22.52 -4.53 -17.54
CA LEU A 515 23.53 -5.34 -18.22
C LEU A 515 23.42 -4.99 -19.70
N HIS A 516 24.49 -4.40 -20.22
CA HIS A 516 24.51 -3.86 -21.58
C HIS A 516 25.62 -4.61 -22.31
N SER A 517 25.47 -4.83 -23.62
CA SER A 517 26.46 -5.64 -24.36
C SER A 517 26.45 -5.34 -25.85
N TYR A 519 27.55 -7.46 -27.94
CA TYR A 519 27.42 -8.75 -28.64
C TYR A 519 25.95 -9.12 -28.86
N THR A 520 25.07 -8.40 -28.16
CA THR A 520 23.62 -8.67 -28.18
C THR A 520 23.20 -10.12 -27.77
N ASP A 521 23.95 -10.64 -26.82
CA ASP A 521 23.78 -11.97 -26.23
C ASP A 521 23.07 -12.04 -24.89
N TRP A 523 21.87 -12.31 -21.53
CA TRP A 523 21.06 -11.68 -20.48
C TRP A 523 21.02 -10.16 -20.50
N SER A 524 21.35 -9.56 -21.63
CA SER A 524 21.46 -8.11 -21.72
C SER A 524 20.20 -7.46 -22.24
N GLU A 525 20.11 -6.16 -21.99
CA GLU A 525 18.98 -5.36 -22.44
C GLU A 525 18.88 -5.37 -23.95
N GLU A 526 20.03 -5.31 -24.62
CA GLU A 526 20.02 -5.34 -26.10
C GLU A 526 19.43 -6.63 -26.68
N TYR A 527 19.69 -7.76 -26.02
CA TYR A 527 19.14 -9.05 -26.47
C TYR A 527 17.64 -9.04 -26.31
N GLN A 528 17.17 -8.57 -25.15
CA GLN A 528 15.72 -8.50 -24.91
C GLN A 528 15.10 -7.73 -26.04
N CYS A 529 15.77 -6.66 -26.47
CA CYS A 529 15.26 -5.82 -27.56
C CYS A 529 15.25 -6.54 -28.92
N ALA A 530 16.34 -7.22 -29.24
CA ALA A 530 16.47 -7.85 -30.54
C ALA A 530 15.56 -9.08 -30.65
N TRP A 531 15.48 -9.83 -29.55
CA TRP A 531 14.62 -11.03 -29.48
C TRP A 531 13.13 -10.72 -29.64
N LEU A 532 12.63 -9.72 -28.92
CA LEU A 532 11.18 -9.40 -29.03
C LEU A 532 10.90 -8.92 -30.45
N ASP A 533 11.92 -8.29 -31.00
CA ASP A 533 11.80 -7.71 -32.33
C ASP A 533 11.73 -8.79 -33.42
N TYR A 535 10.61 -12.02 -32.80
CA TYR A 535 9.23 -12.42 -32.60
C TYR A 535 8.16 -11.58 -33.27
N HIS A 536 8.36 -10.27 -33.22
CA HIS A 536 7.40 -9.36 -33.86
C HIS A 536 7.37 -9.50 -35.40
N ARG A 537 8.54 -9.67 -36.00
CA ARG A 537 8.65 -9.79 -37.46
C ARG A 537 7.87 -11.00 -37.94
N VAL A 538 8.03 -12.10 -37.22
CA VAL A 538 7.33 -13.35 -37.54
C VAL A 538 5.83 -13.25 -37.31
N PHE A 539 5.38 -12.62 -36.22
CA PHE A 539 3.94 -12.50 -36.00
C PHE A 539 3.33 -11.79 -37.19
N ASP A 540 3.95 -10.70 -37.64
CA ASP A 540 3.35 -9.90 -38.70
C ASP A 540 3.30 -10.65 -40.04
N ARG A 541 3.94 -11.81 -40.10
CA ARG A 541 3.93 -12.63 -41.31
C ARG A 541 2.85 -13.69 -41.30
N VAL A 542 2.30 -13.97 -40.12
CA VAL A 542 1.42 -15.10 -39.94
C VAL A 542 0.01 -14.57 -39.66
N SER A 543 -0.91 -14.88 -40.56
CA SER A 543 -2.22 -14.25 -40.52
C SER A 543 -3.12 -14.74 -39.38
N ALA A 544 -2.85 -15.92 -38.85
CA ALA A 544 -3.65 -16.39 -37.74
C ALA A 544 -3.23 -15.78 -36.41
N VAL A 545 -2.07 -15.11 -36.38
CA VAL A 545 -1.62 -14.45 -35.14
C VAL A 545 -2.44 -13.17 -34.93
N VAL A 546 -3.10 -13.11 -33.79
CA VAL A 546 -4.18 -12.18 -33.57
C VAL A 546 -3.89 -11.44 -32.27
N GLY A 547 -2.77 -11.78 -31.64
CA GLY A 547 -2.42 -11.13 -30.38
C GLY A 547 -1.03 -11.43 -29.86
N GLU A 548 -0.51 -10.51 -29.04
CA GLU A 548 0.83 -10.64 -28.47
C GLU A 548 0.87 -10.11 -27.03
N GLN A 549 1.20 -10.99 -26.11
CA GLN A 549 1.29 -10.59 -24.74
C GLN A 549 2.66 -11.04 -24.24
N VAL A 550 3.49 -10.01 -24.08
CA VAL A 550 4.88 -10.18 -23.74
C VAL A 550 4.94 -10.82 -22.38
N TRP A 551 5.85 -11.77 -22.18
CA TRP A 551 5.81 -12.44 -20.90
C TRP A 551 5.98 -11.57 -19.68
N ASN A 552 7.07 -10.91 -19.33
CA ASN A 552 6.61 -10.20 -18.15
C ASN A 552 6.47 -8.70 -18.02
N PHE A 553 5.29 -8.27 -17.57
CA PHE A 553 5.09 -6.84 -17.34
C PHE A 553 6.26 -6.41 -16.50
N ALA A 554 6.52 -7.15 -15.42
CA ALA A 554 7.56 -6.80 -14.46
C ALA A 554 8.22 -7.99 -13.79
N ASP A 555 9.48 -7.84 -13.39
CA ASP A 555 10.20 -8.92 -12.70
C ASP A 555 9.41 -9.39 -11.47
N PHE A 556 9.51 -10.66 -11.10
CA PHE A 556 8.71 -11.16 -9.96
C PHE A 556 9.43 -12.25 -9.17
N ALA A 557 9.04 -12.47 -7.92
CA ALA A 557 9.72 -13.44 -7.09
C ALA A 557 9.32 -14.85 -7.49
N THR A 558 10.28 -15.77 -7.52
CA THR A 558 10.05 -17.19 -7.80
C THR A 558 10.61 -17.99 -6.62
N SER A 559 10.47 -19.30 -6.61
CA SER A 559 11.18 -20.11 -5.61
C SER A 559 12.65 -20.16 -6.04
N GLN A 560 13.57 -20.56 -5.17
CA GLN A 560 15.01 -20.49 -5.51
C GLN A 560 15.46 -21.62 -6.42
N GLY A 561 16.31 -21.30 -7.39
CA GLY A 561 16.98 -22.33 -8.17
C GLY A 561 18.01 -21.71 -9.10
N ILE A 562 18.74 -22.55 -9.81
CA ILE A 562 19.79 -22.07 -10.69
C ILE A 562 19.29 -21.33 -11.93
N LEU A 563 18.01 -21.41 -12.26
CA LEU A 563 17.49 -20.77 -13.47
C LEU A 563 16.92 -19.39 -13.19
N ARG A 564 16.61 -19.12 -11.93
CA ARG A 564 15.98 -17.86 -11.55
C ARG A 564 16.94 -16.98 -10.72
N VAL A 565 17.51 -15.95 -11.33
CA VAL A 565 18.45 -15.06 -10.62
C VAL A 565 17.57 -14.14 -9.78
N GLY A 566 17.39 -14.52 -8.52
CA GLY A 566 16.48 -13.85 -7.62
C GLY A 566 15.10 -13.57 -8.17
N GLY A 567 14.56 -14.47 -9.00
CA GLY A 567 13.22 -14.29 -9.52
C GLY A 567 13.24 -14.44 -11.01
N ASN A 568 12.08 -14.28 -11.63
CA ASN A 568 12.01 -14.28 -13.10
C ASN A 568 12.32 -12.83 -13.55
N LYS A 569 13.30 -12.70 -14.45
CA LYS A 569 13.71 -11.41 -14.95
C LYS A 569 13.21 -11.12 -16.34
N LYS A 570 12.09 -11.74 -16.71
CA LYS A 570 11.58 -11.52 -18.06
C LYS A 570 10.76 -10.23 -18.06
N GLY A 571 10.89 -9.52 -16.95
CA GLY A 571 10.24 -8.23 -16.87
C GLY A 571 10.58 -7.27 -17.98
N ILE A 572 9.61 -6.42 -18.33
CA ILE A 572 9.83 -5.29 -19.24
C ILE A 572 10.21 -4.15 -18.31
N PHE A 573 9.57 -4.15 -17.15
CA PHE A 573 9.89 -3.28 -16.04
C PHE A 573 10.53 -4.11 -14.93
N THR A 574 11.27 -3.46 -14.04
CA THR A 574 11.82 -4.11 -12.87
C THR A 574 10.70 -4.19 -11.87
N ARG A 575 10.95 -4.86 -10.75
CA ARG A 575 9.88 -5.09 -9.78
C ARG A 575 9.45 -3.74 -9.16
N ASP A 576 10.38 -2.80 -9.14
CA ASP A 576 10.08 -1.46 -8.63
C ASP A 576 9.60 -0.55 -9.75
N ARG A 577 9.21 -1.17 -10.87
CA ARG A 577 8.59 -0.51 -12.03
C ARG A 577 9.48 0.44 -12.80
N LYS A 578 10.77 0.15 -12.86
CA LYS A 578 11.65 0.94 -13.71
C LYS A 578 11.77 0.35 -15.09
N PRO A 579 11.72 1.20 -16.12
CA PRO A 579 11.71 0.56 -17.45
C PRO A 579 13.08 0.05 -17.91
N LYS A 580 13.08 -1.15 -18.49
CA LYS A 580 14.24 -1.66 -19.19
C LYS A 580 14.14 -1.07 -20.59
N SER A 581 15.19 -1.12 -21.39
CA SER A 581 15.10 -0.45 -22.70
C SER A 581 14.07 -1.10 -23.65
N ALA A 582 13.77 -2.37 -23.49
CA ALA A 582 12.65 -2.97 -24.24
C ALA A 582 11.33 -2.23 -23.99
N ALA A 583 11.23 -1.45 -22.91
CA ALA A 583 9.96 -0.77 -22.66
C ALA A 583 9.66 0.23 -23.78
N PHE A 584 10.69 0.95 -24.21
CA PHE A 584 10.58 1.94 -25.27
C PHE A 584 10.40 1.30 -26.65
N LEU A 585 10.98 0.12 -26.83
CA LEU A 585 10.74 -0.67 -28.06
C LEU A 585 9.25 -1.01 -28.19
N LEU A 586 8.67 -1.51 -27.10
CA LEU A 586 7.23 -1.91 -27.13
C LEU A 586 6.36 -0.68 -27.28
N GLN A 587 6.65 0.33 -26.50
CA GLN A 587 5.98 1.61 -26.66
C GLN A 587 5.90 2.04 -28.13
N LYS A 588 7.00 2.02 -28.86
CA LYS A 588 6.95 2.47 -30.27
C LYS A 588 6.12 1.55 -31.14
N ARG A 589 6.32 0.25 -31.02
CA ARG A 589 5.53 -0.69 -31.79
C ARG A 589 4.05 -0.55 -31.46
N TRP A 590 3.70 -0.50 -30.17
CA TRP A 590 2.26 -0.54 -29.84
C TRP A 590 1.48 0.78 -29.99
N THR A 591 2.12 1.93 -29.78
CA THR A 591 1.41 3.19 -29.98
C THR A 591 1.44 3.59 -31.46
N GLY A 592 2.37 3.02 -32.23
CA GLY A 592 2.44 3.29 -33.65
C GLY A 592 1.43 2.56 -34.56
N ASN A 594 -2.33 1.14 -35.72
CA ASN A 594 -3.70 1.57 -35.54
C ASN A 594 -4.33 0.82 -34.37
N PHE A 595 -5.04 1.55 -33.51
CA PHE A 595 -5.61 0.92 -32.34
C PHE A 595 -6.38 -0.38 -32.68
N GLY A 596 -6.08 -1.43 -31.92
CA GLY A 596 -6.75 -2.72 -32.04
C GLY A 596 -6.62 -3.46 -33.35
N GLU A 597 -5.52 -3.26 -34.05
CA GLU A 597 -5.52 -3.68 -35.44
C GLU A 597 -4.14 -4.16 -35.91
N LYS A 598 -4.13 -5.39 -36.44
CA LYS A 598 -2.94 -6.11 -36.82
C LYS A 598 -2.14 -5.31 -37.83
N PRO A 599 -0.80 -5.31 -37.72
CA PRO A 599 -0.11 -4.50 -38.74
C PRO A 599 -0.31 -5.04 -40.16
N GLN A 600 0.09 -4.26 -41.16
CA GLN A 600 -0.04 -4.62 -42.59
C GLN A 600 1.08 -5.54 -43.10
N GLN A 601 1.67 -6.32 -42.20
CA GLN A 601 2.93 -7.04 -42.48
C GLN A 601 4.19 -6.22 -42.70
N GLY A 602 4.18 -5.00 -42.18
CA GLY A 602 5.20 -4.03 -42.53
C GLY A 602 5.26 -2.86 -41.58
N GLY A 603 6.38 -2.14 -41.63
CA GLY A 603 6.65 -1.05 -40.70
C GLY A 603 5.75 0.14 -40.93
N SER B 1 -7.01 24.51 17.73
CA SER B 1 -8.14 23.85 18.38
C SER B 1 -7.74 22.53 19.04
N HIS B 2 -8.71 21.63 19.22
CA HIS B 2 -8.50 20.40 19.99
C HIS B 2 -8.48 19.16 19.12
N LEU B 4 -8.32 15.00 18.99
CA LEU B 4 -8.39 13.71 19.66
C LEU B 4 -8.39 12.58 18.65
N ARG B 5 -7.52 11.61 18.90
CA ARG B 5 -7.34 10.48 17.98
C ARG B 5 -8.59 9.60 17.96
N PRO B 6 -9.31 9.55 16.81
CA PRO B 6 -10.47 8.65 16.80
C PRO B 6 -10.12 7.19 17.10
N VAL B 7 -10.98 6.59 17.94
CA VAL B 7 -11.05 5.15 18.23
C VAL B 7 -12.57 4.86 18.26
N GLU B 8 -12.99 3.58 18.30
CA GLU B 8 -14.36 3.23 17.82
C GLU B 8 -15.60 2.89 18.69
N THR B 9 -15.81 3.41 19.90
CA THR B 9 -16.95 2.85 20.69
C THR B 9 -18.38 3.49 20.69
N PRO B 10 -18.54 4.78 21.11
CA PRO B 10 -19.81 5.52 21.03
C PRO B 10 -19.66 6.42 19.80
N THR B 11 -18.68 6.00 19.01
CA THR B 11 -18.25 6.66 17.80
C THR B 11 -17.86 5.52 16.86
N ARG B 12 -18.14 5.67 15.58
CA ARG B 12 -17.69 4.71 14.58
C ARG B 12 -17.38 5.42 13.25
N GLU B 13 -16.47 4.86 12.44
CA GLU B 13 -16.04 5.52 11.21
C GLU B 13 -16.25 4.75 9.92
N ILE B 14 -16.60 5.48 8.88
CA ILE B 14 -16.40 5.03 7.53
C ILE B 14 -15.05 5.67 7.20
N LYS B 15 -14.02 4.86 6.97
CA LYS B 15 -12.79 5.43 6.42
C LYS B 15 -13.13 5.63 4.98
N LYS B 16 -12.64 6.72 4.42
CA LYS B 16 -12.96 7.12 3.07
C LYS B 16 -11.71 6.92 2.28
N LEU B 17 -10.73 6.36 2.99
CA LEU B 17 -9.43 6.04 2.47
C LEU B 17 -9.66 5.07 1.36
N ASP B 18 -10.86 4.51 1.31
CA ASP B 18 -11.24 3.63 0.23
C ASP B 18 -10.64 4.53 -0.81
N GLY B 19 -9.78 3.95 -1.62
CA GLY B 19 -8.71 4.67 -2.28
C GLY B 19 -9.17 5.45 -3.48
N LEU B 20 -9.92 4.85 -4.38
CA LEU B 20 -10.02 5.55 -5.64
C LEU B 20 -10.99 6.76 -5.61
N TRP B 21 -10.38 7.95 -5.75
CA TRP B 21 -11.11 9.22 -5.87
C TRP B 21 -10.95 9.72 -7.30
N ALA B 22 -11.72 10.73 -7.68
CA ALA B 22 -11.56 11.34 -8.98
C ALA B 22 -10.53 12.44 -8.80
N PHE B 23 -9.70 12.67 -9.80
CA PHE B 23 -8.56 13.57 -9.61
C PHE B 23 -8.34 14.45 -10.83
N SER B 24 -7.95 15.69 -10.59
CA SER B 24 -7.48 16.52 -11.69
C SER B 24 -6.60 17.71 -11.28
N LEU B 25 -5.75 18.10 -12.22
CA LEU B 25 -4.97 19.31 -12.14
C LEU B 25 -5.82 20.48 -12.60
N ASP B 26 -5.45 21.66 -12.12
CA ASP B 26 -6.12 22.89 -12.48
C ASP B 26 -5.05 23.85 -12.97
N ARG B 27 -4.55 23.59 -14.17
CA ARG B 27 -3.40 24.31 -14.70
C ARG B 27 -3.73 25.79 -14.98
N GLU B 28 -5.02 26.13 -14.96
CA GLU B 28 -5.48 27.46 -15.28
C GLU B 28 -5.84 28.25 -14.05
N ASN B 29 -5.81 27.56 -12.93
CA ASN B 29 -6.29 28.15 -11.70
C ASN B 29 -7.63 28.85 -11.89
N CYS B 30 -8.49 28.23 -12.70
CA CYS B 30 -9.83 28.75 -12.94
C CYS B 30 -10.86 27.98 -12.13
N GLY B 31 -10.35 27.08 -11.28
CA GLY B 31 -11.18 26.11 -10.61
C GLY B 31 -12.12 26.67 -9.60
N ILE B 32 -11.65 27.63 -8.82
CA ILE B 32 -12.51 28.25 -7.82
C ILE B 32 -13.52 29.21 -8.46
N ASP B 33 -13.07 29.98 -9.44
CA ASP B 33 -13.94 30.87 -10.21
C ASP B 33 -15.05 30.14 -10.98
N GLN B 34 -14.73 28.94 -11.49
CA GLN B 34 -15.66 28.16 -12.30
C GLN B 34 -16.40 27.19 -11.42
N ARG B 35 -16.12 27.24 -10.14
CA ARG B 35 -16.92 26.48 -9.19
C ARG B 35 -16.99 25.01 -9.59
N TRP B 36 -15.81 24.40 -9.75
CA TRP B 36 -15.71 23.01 -10.13
C TRP B 36 -16.43 22.02 -9.20
N TRP B 37 -16.51 22.37 -7.91
CA TRP B 37 -16.94 21.46 -6.87
C TRP B 37 -18.45 21.26 -6.79
N GLU B 38 -19.17 21.94 -7.69
CA GLU B 38 -20.61 21.86 -7.73
C GLU B 38 -21.08 20.61 -8.53
N SER B 39 -20.25 20.18 -9.48
CA SER B 39 -20.49 18.93 -10.21
C SER B 39 -19.22 18.09 -10.29
N ALA B 40 -19.33 16.92 -10.91
CA ALA B 40 -18.19 16.03 -11.07
C ALA B 40 -17.03 16.70 -11.79
N LEU B 41 -15.84 16.67 -11.19
CA LEU B 41 -14.65 17.10 -11.90
C LEU B 41 -14.78 16.56 -13.29
N GLN B 42 -14.43 17.32 -14.31
CA GLN B 42 -14.38 16.69 -15.62
C GLN B 42 -12.93 16.38 -15.92
N GLU B 43 -12.68 15.75 -17.06
CA GLU B 43 -11.30 15.45 -17.43
C GLU B 43 -10.45 14.90 -16.29
N SER B 44 -11.06 14.05 -15.46
CA SER B 44 -10.41 13.45 -14.30
C SER B 44 -9.90 12.04 -14.61
N ARG B 45 -9.36 11.40 -13.58
CA ARG B 45 -8.88 10.02 -13.66
C ARG B 45 -8.78 9.58 -12.22
N ALA B 46 -8.70 8.26 -12.02
CA ALA B 46 -8.58 7.68 -10.70
C ALA B 46 -7.22 7.94 -10.07
N ILE B 47 -7.25 8.20 -8.78
CA ILE B 47 -6.04 8.36 -7.99
C ILE B 47 -6.27 7.64 -6.68
N ALA B 48 -5.22 7.14 -6.05
CA ALA B 48 -5.41 6.46 -4.78
C ALA B 48 -5.14 7.38 -3.60
N VAL B 49 -5.96 7.24 -2.55
CA VAL B 49 -5.68 7.85 -1.24
C VAL B 49 -5.72 6.84 -0.09
N PRO B 50 -4.69 6.86 0.78
CA PRO B 50 -3.59 7.84 0.82
C PRO B 50 -2.30 7.51 0.07
N GLY B 51 -1.72 8.55 -0.53
CA GLY B 51 -0.44 8.48 -1.22
C GLY B 51 -0.16 9.84 -1.84
N SER B 52 1.07 10.13 -2.23
CA SER B 52 1.35 11.41 -2.90
C SER B 52 0.72 11.37 -4.30
N PHE B 53 0.29 12.51 -4.85
CA PHE B 53 -0.17 12.48 -6.23
C PHE B 53 0.99 12.35 -7.24
N ASN B 54 2.14 12.89 -6.87
CA ASN B 54 3.29 13.02 -7.79
C ASN B 54 3.69 11.80 -8.62
N ASP B 55 3.90 10.66 -7.97
CA ASP B 55 4.48 9.47 -8.62
C ASP B 55 3.50 8.37 -9.01
N GLN B 56 2.20 8.56 -8.84
CA GLN B 56 1.23 7.50 -9.13
C GLN B 56 1.07 7.27 -10.60
N PHE B 57 1.51 8.22 -11.40
CA PHE B 57 1.17 8.21 -12.82
C PHE B 57 2.40 8.09 -13.72
N ALA B 58 3.59 8.03 -13.14
CA ALA B 58 4.79 7.87 -13.96
C ALA B 58 4.92 9.01 -14.94
N ASP B 59 4.44 10.20 -14.56
CA ASP B 59 4.46 11.35 -15.46
C ASP B 59 5.22 12.55 -14.88
N ALA B 60 6.28 13.00 -15.55
CA ALA B 60 7.11 14.09 -15.00
C ALA B 60 6.32 15.40 -14.84
N ASP B 61 5.52 15.72 -15.85
CA ASP B 61 4.64 16.86 -15.84
C ASP B 61 3.67 16.91 -14.66
N ILE B 62 3.19 15.76 -14.22
CA ILE B 62 2.36 15.77 -13.02
C ILE B 62 3.27 15.81 -11.79
N ARG B 63 4.39 15.10 -11.87
CA ARG B 63 5.31 14.97 -10.74
C ARG B 63 5.86 16.33 -10.29
N ASN B 64 6.14 17.19 -11.26
CA ASN B 64 6.75 18.49 -10.94
C ASN B 64 5.73 19.63 -10.94
N TYR B 65 4.47 19.28 -11.08
CA TYR B 65 3.40 20.25 -11.07
C TYR B 65 3.42 21.09 -9.80
N ALA B 66 3.10 22.38 -9.94
CA ALA B 66 2.88 23.22 -8.77
C ALA B 66 1.57 24.01 -8.86
N GLY B 67 0.76 23.95 -7.80
CA GLY B 67 -0.41 24.79 -7.74
C GLY B 67 -1.54 24.04 -7.09
N ASN B 68 -2.74 24.18 -7.62
CA ASN B 68 -3.87 23.43 -7.08
C ASN B 68 -4.21 22.18 -7.89
N VAL B 69 -4.53 21.12 -7.16
CA VAL B 69 -5.13 19.92 -7.73
C VAL B 69 -6.45 19.64 -6.98
N TRP B 70 -7.33 18.89 -7.64
CA TRP B 70 -8.65 18.60 -7.09
C TRP B 70 -8.86 17.11 -6.86
N TYR B 71 -9.34 16.75 -5.67
CA TYR B 71 -9.81 15.40 -5.35
C TYR B 71 -11.30 15.42 -5.20
N GLN B 72 -11.99 14.39 -5.68
CA GLN B 72 -13.43 14.31 -5.52
C GLN B 72 -13.89 12.87 -5.34
N ARG B 73 -14.89 12.66 -4.50
CA ARG B 73 -15.45 11.33 -4.31
C ARG B 73 -16.80 11.40 -3.58
N GLU B 74 -17.64 10.38 -3.77
CA GLU B 74 -18.95 10.34 -3.10
C GLU B 74 -19.03 9.16 -2.15
N VAL B 75 -19.96 9.25 -1.20
CA VAL B 75 -19.97 8.35 -0.05
C VAL B 75 -21.30 8.42 0.70
N PHE B 76 -21.98 7.30 0.87
CA PHE B 76 -23.24 7.26 1.63
C PHE B 76 -22.96 7.43 3.13
N ILE B 77 -23.64 8.37 3.80
CA ILE B 77 -23.56 8.45 5.27
C ILE B 77 -24.38 7.30 5.84
N PRO B 78 -23.81 6.54 6.79
CA PRO B 78 -24.46 5.38 7.40
C PRO B 78 -25.83 5.73 8.00
N LYS B 79 -26.84 4.92 7.71
CA LYS B 79 -28.20 5.15 8.23
C LYS B 79 -28.22 5.32 9.76
N GLY B 80 -27.52 4.44 10.48
CA GLY B 80 -27.54 4.47 11.93
C GLY B 80 -27.06 5.76 12.60
N TRP B 81 -26.62 6.73 11.79
CA TRP B 81 -26.01 7.93 12.34
C TRP B 81 -27.00 9.03 12.74
N ALA B 82 -28.29 8.67 12.72
CA ALA B 82 -29.36 9.38 13.44
C ALA B 82 -29.37 10.91 13.36
N GLY B 83 -29.36 11.55 14.53
CA GLY B 83 -29.27 13.00 14.63
C GLY B 83 -27.88 13.32 15.14
N GLN B 84 -27.01 12.34 15.01
CA GLN B 84 -25.72 12.37 15.68
C GLN B 84 -24.77 13.39 15.14
N ARG B 85 -23.68 13.57 15.86
CA ARG B 85 -22.57 14.38 15.40
C ARG B 85 -21.85 13.73 14.26
N ILE B 86 -21.83 14.38 13.10
CA ILE B 86 -21.06 13.88 11.99
C ILE B 86 -19.84 14.77 11.74
N VAL B 87 -18.68 14.13 11.58
CA VAL B 87 -17.38 14.78 11.68
C VAL B 87 -16.45 14.27 10.61
N LEU B 88 -16.00 15.16 9.75
CA LEU B 88 -15.09 14.78 8.68
C LEU B 88 -13.65 15.15 9.04
N ARG B 89 -12.77 14.15 8.97
CA ARG B 89 -11.40 14.31 9.43
C ARG B 89 -10.39 13.87 8.39
N PHE B 90 -9.32 14.66 8.25
CA PHE B 90 -8.18 14.33 7.40
C PHE B 90 -6.95 14.23 8.28
N ASP B 91 -6.21 13.13 8.18
CA ASP B 91 -5.00 13.00 8.99
C ASP B 91 -3.90 13.92 8.47
N ALA B 92 -3.97 14.25 7.18
CA ALA B 92 -3.01 15.21 6.62
C ALA B 92 -3.54 15.65 5.27
N VAL B 93 -3.08 16.79 4.80
CA VAL B 93 -3.38 17.16 3.44
C VAL B 93 -2.15 17.96 3.14
N THR B 94 -1.39 17.51 2.16
CA THR B 94 -0.08 18.08 2.03
C THR B 94 0.05 19.39 1.34
N HIS B 95 0.48 20.24 2.25
CA HIS B 95 0.40 21.67 2.32
C HIS B 95 -0.90 22.44 2.59
N TYR B 96 -1.96 22.25 1.83
CA TYR B 96 -3.16 23.06 2.04
C TYR B 96 -4.40 22.40 1.40
N GLY B 97 -5.50 22.37 2.15
CA GLY B 97 -6.75 21.86 1.61
C GLY B 97 -7.94 22.76 1.89
N LYS B 98 -8.89 22.77 0.96
CA LYS B 98 -10.20 23.38 1.17
C LYS B 98 -11.21 22.36 0.70
N VAL B 99 -12.34 22.27 1.42
CA VAL B 99 -13.25 21.14 1.30
C VAL B 99 -14.69 21.57 1.07
N TRP B 100 -15.34 20.98 0.07
CA TRP B 100 -16.74 21.25 -0.24
C TRP B 100 -17.63 19.98 -0.16
N VAL B 101 -18.54 19.97 0.83
CA VAL B 101 -19.58 18.95 0.89
C VAL B 101 -20.76 19.44 0.10
N ASN B 102 -20.97 18.76 -1.02
CA ASN B 102 -21.81 19.30 -2.06
C ASN B 102 -21.36 20.74 -2.14
N ASN B 103 -22.24 21.71 -1.99
CA ASN B 103 -21.78 23.09 -2.10
C ASN B 103 -21.26 23.87 -0.89
N GLN B 104 -21.32 23.24 0.27
CA GLN B 104 -20.91 23.82 1.55
C GLN B 104 -19.41 23.73 1.86
N GLU B 105 -18.73 24.88 1.89
CA GLU B 105 -17.34 24.94 2.36
C GLU B 105 -17.25 24.67 3.85
N VAL B 106 -16.63 23.55 4.19
CA VAL B 106 -16.68 23.03 5.54
C VAL B 106 -15.36 23.15 6.29
N GLU B 108 -10.73 24.33 6.00
CA GLU B 108 -9.60 25.02 5.40
C GLU B 108 -8.37 24.67 6.26
N HIS B 109 -7.24 24.37 5.62
CA HIS B 109 -6.03 24.04 6.38
C HIS B 109 -4.71 24.33 5.68
N GLN B 110 -3.78 24.95 6.42
CA GLN B 110 -2.40 25.14 6.00
C GLN B 110 -1.46 24.43 6.97
N GLY B 111 -0.58 23.60 6.42
CA GLY B 111 0.17 22.63 7.21
C GLY B 111 -0.19 21.40 6.41
N GLY B 112 0.74 20.44 6.39
CA GLY B 112 0.61 19.26 5.55
C GLY B 112 0.80 17.99 6.37
N TYR B 113 1.16 18.11 7.65
CA TYR B 113 1.49 16.91 8.43
C TYR B 113 0.64 16.65 9.68
N THR B 114 -0.46 17.39 9.82
CA THR B 114 -1.34 17.28 11.00
C THR B 114 -2.83 17.31 10.68
N PRO B 115 -3.63 16.71 11.56
CA PRO B 115 -5.05 16.59 11.23
C PRO B 115 -5.85 17.90 11.35
N PHE B 116 -6.97 17.91 10.64
CA PHE B 116 -7.97 18.95 10.76
C PHE B 116 -9.30 18.29 10.47
N GLU B 117 -10.35 18.75 11.15
CA GLU B 117 -11.68 18.15 11.06
C GLU B 117 -12.81 19.20 11.21
N ALA B 118 -14.04 18.81 10.85
CA ALA B 118 -15.21 19.69 10.95
C ALA B 118 -16.50 18.91 11.16
N ASP B 119 -17.45 19.53 11.86
CA ASP B 119 -18.80 19.00 12.08
C ASP B 119 -19.65 19.30 10.86
N VAL B 120 -20.15 18.25 10.23
CA VAL B 120 -20.76 18.41 8.92
C VAL B 120 -22.26 18.08 8.91
N THR B 121 -22.77 17.75 10.09
CA THR B 121 -24.16 17.35 10.31
C THR B 121 -25.26 18.10 9.52
N PRO B 122 -25.22 19.45 9.51
CA PRO B 122 -26.16 20.32 8.79
C PRO B 122 -26.19 20.32 7.25
N TYR B 123 -25.19 19.76 6.56
CA TYR B 123 -25.20 19.74 5.09
C TYR B 123 -25.13 18.33 4.61
N VAL B 124 -25.33 17.40 5.54
CA VAL B 124 -25.36 15.98 5.25
C VAL B 124 -26.62 15.34 5.80
N ILE B 125 -27.06 14.27 5.15
CA ILE B 125 -28.26 13.52 5.54
C ILE B 125 -27.97 12.01 5.58
N ALA B 126 -27.99 11.46 6.80
CA ALA B 126 -27.65 10.05 7.01
C ALA B 126 -28.51 9.13 6.16
N GLY B 127 -27.86 8.28 5.36
CA GLY B 127 -28.56 7.31 4.52
C GLY B 127 -28.48 7.68 3.05
N LYS B 128 -27.87 8.85 2.78
CA LYS B 128 -27.77 9.44 1.44
C LYS B 128 -26.31 9.61 1.01
N SER B 129 -26.10 9.80 -0.30
CA SER B 129 -24.78 10.09 -0.87
C SER B 129 -24.45 11.59 -0.77
N VAL B 130 -23.18 11.93 -0.51
CA VAL B 130 -22.76 13.32 -0.48
C VAL B 130 -21.44 13.47 -1.21
N ARG B 131 -21.31 14.56 -1.95
CA ARG B 131 -20.13 14.78 -2.74
C ARG B 131 -19.02 15.29 -1.84
N ILE B 132 -17.81 14.84 -2.08
CA ILE B 132 -16.70 15.45 -1.38
C ILE B 132 -15.66 15.95 -2.37
N THR B 133 -15.39 17.23 -2.27
CA THR B 133 -14.43 17.85 -3.14
C THR B 133 -13.42 18.51 -2.25
N VAL B 134 -12.15 18.22 -2.57
CA VAL B 134 -11.01 18.82 -1.93
C VAL B 134 -10.17 19.54 -2.96
N CYS B 135 -9.76 20.75 -2.61
CA CYS B 135 -8.77 21.52 -3.33
C CYS B 135 -7.43 21.48 -2.57
N VAL B 136 -6.40 20.98 -3.24
CA VAL B 136 -5.10 20.77 -2.64
C VAL B 136 -3.99 21.67 -3.24
N ASN B 137 -3.29 22.40 -2.38
CA ASN B 137 -2.21 23.28 -2.81
C ASN B 137 -0.89 22.76 -2.29
N ASN B 138 0.12 22.78 -3.17
CA ASN B 138 1.48 22.35 -2.79
C ASN B 138 2.52 23.46 -2.86
N GLU B 139 2.08 24.73 -2.95
CA GLU B 139 3.01 25.87 -3.08
C GLU B 139 3.64 26.26 -1.74
N LEU B 140 4.93 26.55 -1.73
CA LEU B 140 5.58 27.08 -0.53
C LEU B 140 6.06 28.52 -0.69
N ASN B 141 5.88 29.33 0.35
CA ASN B 141 6.41 30.69 0.39
C ASN B 141 6.97 30.98 1.77
N TRP B 142 7.43 32.20 1.98
CA TRP B 142 8.11 32.52 3.22
C TRP B 142 7.41 32.36 4.57
N GLN B 143 6.08 32.40 4.60
CA GLN B 143 5.39 32.22 5.87
C GLN B 143 4.85 30.82 6.00
N THR B 144 5.48 29.89 5.30
CA THR B 144 5.00 28.54 5.23
C THR B 144 6.02 27.61 5.91
N ILE B 145 5.52 26.54 6.51
CA ILE B 145 6.29 25.65 7.38
C ILE B 145 7.09 24.38 7.05
N PRO B 146 7.45 24.24 5.79
CA PRO B 146 8.77 24.52 5.27
C PRO B 146 8.66 25.75 4.40
N PRO B 147 9.62 26.68 4.47
CA PRO B 147 9.45 27.85 3.60
C PRO B 147 9.97 27.53 2.22
N GLY B 148 9.67 28.39 1.24
CA GLY B 148 10.14 28.18 -0.12
C GLY B 148 9.74 29.34 -1.01
N VAL B 150 7.93 30.32 -4.88
CA VAL B 150 7.42 29.94 -6.18
C VAL B 150 7.75 31.03 -7.19
N ILE B 151 8.52 30.62 -8.20
CA ILE B 151 8.78 31.49 -9.31
C ILE B 151 7.76 31.18 -10.38
N THR B 152 6.96 32.19 -10.71
CA THR B 152 6.09 32.07 -11.84
C THR B 152 6.94 32.47 -13.02
N ASP B 153 6.94 31.67 -14.07
CA ASP B 153 7.61 32.13 -15.27
C ASP B 153 6.68 33.07 -16.04
N GLU B 154 7.31 33.80 -16.97
CA GLU B 154 6.67 34.69 -17.93
C GLU B 154 5.60 33.95 -18.75
N ASN B 155 6.03 32.90 -19.44
CA ASN B 155 5.12 31.88 -19.91
C ASN B 155 4.26 31.51 -18.69
N GLY B 156 2.99 31.18 -18.85
CA GLY B 156 2.10 31.16 -17.68
C GLY B 156 2.29 30.42 -16.35
N LYS B 157 3.26 29.49 -16.29
CA LYS B 157 3.29 28.44 -15.27
C LYS B 157 4.10 28.70 -14.00
N LYS B 158 3.71 28.04 -12.91
CA LYS B 158 4.47 28.06 -11.66
C LYS B 158 5.61 27.04 -11.67
N LYS B 159 6.54 27.21 -10.75
CA LYS B 159 7.65 26.30 -10.60
C LYS B 159 8.17 26.47 -9.18
N GLN B 160 8.14 25.40 -8.40
CA GLN B 160 8.51 25.52 -6.99
C GLN B 160 9.98 25.30 -6.73
N SER B 161 10.57 26.18 -5.95
CA SER B 161 11.85 25.90 -5.34
C SER B 161 11.74 26.01 -3.84
N TYR B 162 12.65 25.33 -3.12
CA TYR B 162 12.65 25.31 -1.67
C TYR B 162 14.05 24.97 -1.18
N PHE B 163 14.20 24.81 0.13
CA PHE B 163 15.55 24.74 0.70
C PHE B 163 15.96 23.44 1.39
N HIS B 164 15.05 22.46 1.45
CA HIS B 164 15.40 21.13 1.94
C HIS B 164 15.68 20.13 0.83
N ASP B 165 16.24 19.01 1.25
CA ASP B 165 16.73 17.95 0.41
C ASP B 165 15.58 17.18 -0.21
N PHE B 166 14.91 16.46 0.68
CA PHE B 166 13.78 15.62 0.36
C PHE B 166 12.82 16.26 -0.62
N PHE B 167 12.21 15.44 -1.48
CA PHE B 167 11.38 15.95 -2.58
C PHE B 167 10.00 16.46 -2.11
N ASN B 168 9.44 17.41 -2.83
CA ASN B 168 8.22 18.13 -2.35
C ASN B 168 7.01 17.30 -2.73
N TYR B 169 6.77 16.18 -2.06
CA TYR B 169 5.57 15.39 -2.34
C TYR B 169 4.39 16.11 -1.74
N ALA B 170 3.24 15.94 -2.36
CA ALA B 170 2.05 16.65 -1.95
C ALA B 170 0.84 15.78 -2.31
N GLY B 171 -0.31 16.07 -1.70
CA GLY B 171 -1.51 15.27 -1.90
C GLY B 171 -2.10 14.86 -0.57
N ILE B 172 -3.08 13.95 -0.62
CA ILE B 172 -3.65 13.44 0.63
C ILE B 172 -2.87 12.22 1.05
N HIS B 173 -1.94 12.45 1.96
CA HIS B 173 -0.94 11.48 2.31
C HIS B 173 -1.41 10.50 3.35
N ARG B 174 -2.50 10.83 4.03
CA ARG B 174 -3.00 10.00 5.12
C ARG B 174 -4.50 9.76 5.03
N SER B 175 -5.00 8.89 5.91
CA SER B 175 -6.42 8.55 5.95
C SER B 175 -7.33 9.74 6.00
N VAL B 176 -8.37 9.75 5.17
CA VAL B 176 -9.53 10.58 5.49
C VAL B 176 -10.61 9.73 6.13
N LEU B 178 -14.92 10.04 7.79
CA LEU B 178 -16.17 10.55 8.26
C LEU B 178 -16.27 9.86 9.59
N TYR B 179 -16.54 10.57 10.68
CA TYR B 179 -16.85 9.86 11.91
C TYR B 179 -17.95 10.46 12.77
N THR B 180 -18.38 9.68 13.76
CA THR B 180 -19.65 9.90 14.41
C THR B 180 -19.44 10.18 15.90
N THR B 181 -20.14 11.15 16.48
CA THR B 181 -20.07 11.32 17.94
C THR B 181 -21.46 11.57 18.57
N PRO B 182 -21.60 11.27 19.88
CA PRO B 182 -22.85 11.60 20.58
C PRO B 182 -22.87 13.11 20.79
N ASN B 183 -24.00 13.70 21.17
CA ASN B 183 -24.01 15.14 21.30
C ASN B 183 -23.35 15.60 22.60
N THR B 184 -23.20 14.64 23.51
CA THR B 184 -22.25 14.71 24.61
C THR B 184 -21.01 14.07 24.05
N TRP B 185 -19.84 14.67 24.29
CA TRP B 185 -18.62 14.15 23.67
C TRP B 185 -17.35 14.65 24.31
N VAL B 186 -16.44 13.76 24.63
CA VAL B 186 -15.11 14.22 24.97
C VAL B 186 -14.56 14.87 23.69
N ASP B 187 -13.92 16.03 23.79
CA ASP B 187 -13.23 16.60 22.62
C ASP B 187 -11.75 17.00 22.84
N ASP B 188 -11.27 16.90 24.08
CA ASP B 188 -9.89 17.20 24.48
C ASP B 188 -9.41 16.42 25.74
N ILE B 189 -8.13 16.01 25.79
CA ILE B 189 -7.55 15.33 26.97
C ILE B 189 -6.03 15.48 27.09
N THR B 190 -5.55 15.51 28.33
CA THR B 190 -4.13 15.72 28.62
C THR B 190 -3.77 14.94 29.87
N VAL B 191 -2.57 14.38 29.92
CA VAL B 191 -2.21 13.43 30.95
C VAL B 191 -0.73 13.51 31.27
N VAL B 192 -0.39 13.55 32.56
CA VAL B 192 1.02 13.60 32.94
C VAL B 192 1.41 12.60 34.02
N THR B 193 2.42 11.81 33.69
CA THR B 193 2.92 10.79 34.59
C THR B 193 4.18 11.27 35.31
N HIS B 194 4.13 11.33 36.64
CA HIS B 194 5.30 11.64 37.45
C HIS B 194 5.86 10.32 38.00
N VAL B 195 7.19 10.19 38.09
CA VAL B 195 7.83 8.95 38.60
C VAL B 195 8.80 9.25 39.75
N ALA B 196 9.00 8.28 40.65
CA ALA B 196 9.74 8.56 41.89
C ALA B 196 10.72 7.47 42.27
N GLN B 197 11.91 7.48 41.68
CA GLN B 197 12.95 6.56 42.13
C GLN B 197 12.53 5.11 41.95
N ASP B 198 11.45 4.91 41.19
CA ASP B 198 10.99 3.60 40.71
C ASP B 198 10.17 2.67 41.63
N CYS B 199 9.52 3.25 42.64
CA CYS B 199 8.70 2.46 43.57
C CYS B 199 7.19 2.55 43.34
N ASN B 200 6.72 3.75 42.99
CA ASN B 200 5.30 4.13 43.08
C ASN B 200 5.13 5.35 42.17
N HIS B 201 3.94 5.59 41.61
CA HIS B 201 3.66 6.94 41.08
C HIS B 201 2.33 7.37 40.43
N ALA B 202 2.24 8.69 40.20
CA ALA B 202 1.00 9.43 40.01
C ALA B 202 0.82 10.04 38.62
N SER B 203 -0.43 10.13 38.17
CA SER B 203 -0.73 10.69 36.85
C SER B 203 -1.84 11.73 36.95
N VAL B 204 -1.72 12.83 36.21
CA VAL B 204 -2.73 13.88 36.27
C VAL B 204 -3.67 13.84 35.07
N ASP B 205 -4.98 13.88 35.32
CA ASP B 205 -5.87 14.17 34.21
C ASP B 205 -6.27 15.61 34.18
N TRP B 206 -6.47 16.08 32.97
CA TRP B 206 -7.11 17.33 32.70
C TRP B 206 -7.88 17.01 31.45
N GLN B 207 -9.08 17.57 31.32
CA GLN B 207 -9.90 17.17 30.19
C GLN B 207 -10.99 18.20 29.86
N VAL B 208 -10.90 18.81 28.68
CA VAL B 208 -11.97 19.69 28.20
C VAL B 208 -13.05 18.77 27.70
N VAL B 209 -14.30 19.20 27.75
CA VAL B 209 -15.37 18.29 27.44
C VAL B 209 -16.58 18.94 26.82
N ALA B 210 -17.11 18.31 25.78
CA ALA B 210 -18.47 18.62 25.37
C ALA B 210 -19.27 18.46 26.64
N ASN B 211 -20.42 19.11 26.73
CA ASN B 211 -21.10 19.17 28.02
C ASN B 211 -21.35 17.83 28.70
N GLY B 212 -20.76 17.61 29.87
CA GLY B 212 -20.96 16.37 30.59
C GLY B 212 -19.98 16.09 31.71
N ASP B 213 -20.35 15.16 32.59
CA ASP B 213 -19.55 14.85 33.76
C ASP B 213 -18.59 13.70 33.46
N VAL B 214 -17.33 13.85 33.87
CA VAL B 214 -16.37 12.79 33.61
C VAL B 214 -16.09 11.85 34.77
N SER B 215 -16.35 10.57 34.51
CA SER B 215 -15.77 9.51 35.30
C SER B 215 -14.51 9.08 34.55
N VAL B 216 -13.40 9.07 35.26
CA VAL B 216 -12.10 8.77 34.70
C VAL B 216 -11.63 7.48 35.33
N GLU B 217 -11.34 6.46 34.53
CA GLU B 217 -10.84 5.24 35.14
C GLU B 217 -9.66 4.66 34.38
N LEU B 218 -8.63 4.31 35.13
CA LEU B 218 -7.41 3.78 34.55
C LEU B 218 -7.44 2.27 34.69
N ARG B 219 -7.14 1.58 33.61
CA ARG B 219 -7.19 0.13 33.66
C ARG B 219 -5.85 -0.55 33.52
N ASP B 220 -5.86 -1.80 33.93
CA ASP B 220 -4.70 -2.64 33.90
C ASP B 220 -4.45 -3.01 32.47
N ALA B 221 -3.33 -3.69 32.23
CA ALA B 221 -3.16 -4.41 30.99
C ALA B 221 -4.32 -5.40 30.83
N ASP B 222 -4.78 -5.95 31.97
CA ASP B 222 -5.79 -7.00 31.93
C ASP B 222 -7.16 -6.49 32.30
N GLN B 223 -7.34 -5.18 32.20
CA GLN B 223 -8.66 -4.57 32.28
C GLN B 223 -9.26 -4.59 33.69
N GLN B 224 -8.39 -4.66 34.69
CA GLN B 224 -8.81 -4.52 36.07
C GLN B 224 -8.71 -3.06 36.47
N VAL B 225 -9.82 -2.52 36.96
CA VAL B 225 -9.91 -1.09 37.22
C VAL B 225 -9.09 -0.68 38.45
N VAL B 226 -7.85 -0.26 38.23
CA VAL B 226 -6.91 0.04 39.33
C VAL B 226 -6.75 1.54 39.63
N ALA B 227 -7.38 2.37 38.82
CA ALA B 227 -7.35 3.80 39.09
C ALA B 227 -8.70 4.41 38.79
N THR B 228 -9.17 5.23 39.70
CA THR B 228 -10.44 5.90 39.52
C THR B 228 -10.34 7.34 39.96
N GLY B 229 -11.08 8.19 39.27
CA GLY B 229 -11.05 9.61 39.52
C GLY B 229 -12.38 10.18 39.15
N GLN B 230 -12.70 11.31 39.75
CA GLN B 230 -13.96 11.97 39.48
C GLN B 230 -13.58 13.37 39.11
N GLY B 231 -14.47 14.06 38.43
CA GLY B 231 -14.18 15.44 38.13
C GLY B 231 -14.02 15.49 36.64
N THR B 232 -14.49 16.59 36.09
CA THR B 232 -14.52 16.79 34.66
C THR B 232 -13.31 17.71 34.34
N SER B 233 -12.61 18.20 35.37
CA SER B 233 -11.48 19.10 35.13
C SER B 233 -10.07 18.61 35.53
N GLY B 234 -9.93 17.91 36.65
CA GLY B 234 -8.61 17.49 37.09
C GLY B 234 -8.56 16.40 38.13
N THR B 235 -7.51 15.59 38.08
CA THR B 235 -7.20 14.63 39.14
C THR B 235 -5.71 14.32 39.17
N LEU B 236 -5.35 13.47 40.12
CA LEU B 236 -4.06 12.82 40.19
C LEU B 236 -4.41 11.50 40.89
N GLN B 237 -3.97 10.36 40.35
CA GLN B 237 -4.11 9.06 41.03
C GLN B 237 -2.74 8.50 41.33
N VAL B 238 -2.47 8.22 42.60
CA VAL B 238 -1.15 7.75 43.00
C VAL B 238 -1.38 6.27 43.26
N VAL B 239 -0.98 5.45 42.30
CA VAL B 239 -1.08 4.00 42.46
C VAL B 239 0.39 3.60 42.35
N ASN B 240 0.75 2.47 42.94
CA ASN B 240 2.08 1.90 42.70
C ASN B 240 2.28 0.99 41.47
N PRO B 241 2.71 1.57 40.32
CA PRO B 241 2.58 0.98 38.97
C PRO B 241 3.69 0.16 38.21
N HIS B 242 3.35 -0.21 36.97
CA HIS B 242 4.24 -0.95 36.04
C HIS B 242 4.62 -0.03 34.88
N LEU B 243 5.91 0.24 34.70
CA LEU B 243 6.34 1.35 33.85
C LEU B 243 6.53 1.07 32.38
N TRP B 244 6.43 2.16 31.62
CA TRP B 244 6.75 2.18 30.20
C TRP B 244 8.27 2.19 30.04
N GLN B 245 8.82 1.11 29.49
CA GLN B 245 10.27 0.98 29.32
C GLN B 245 10.67 0.67 27.87
N PRO B 246 11.93 0.95 27.52
CA PRO B 246 12.36 0.81 26.12
C PRO B 246 12.39 -0.63 25.58
N GLY B 247 12.96 -1.60 26.30
CA GLY B 247 12.95 -2.98 25.83
C GLY B 247 11.51 -3.40 25.57
N GLU B 248 10.63 -3.09 26.53
CA GLU B 248 9.27 -3.63 26.57
C GLU B 248 7.97 -2.81 26.47
N GLY B 249 8.01 -1.52 26.78
CA GLY B 249 6.87 -0.63 26.64
C GLY B 249 5.44 -0.88 27.14
N TYR B 250 5.27 -1.20 28.42
CA TYR B 250 3.93 -1.44 28.98
C TYR B 250 3.00 -0.22 28.82
N LEU B 251 1.70 -0.44 28.74
CA LEU B 251 0.73 0.66 28.62
C LEU B 251 -0.56 0.45 29.44
N TYR B 252 -1.07 1.53 30.03
CA TYR B 252 -2.39 1.48 30.67
C TYR B 252 -3.45 2.10 29.80
N GLU B 253 -4.70 1.83 30.15
CA GLU B 253 -5.81 2.46 29.47
C GLU B 253 -6.70 3.25 30.42
N LEU B 254 -6.77 4.55 30.16
CA LEU B 254 -7.60 5.46 30.94
C LEU B 254 -8.88 5.78 30.20
N CYS B 255 -9.99 5.10 30.55
CA CYS B 255 -11.26 5.39 29.91
C CYS B 255 -11.75 6.78 30.36
N VAL B 256 -12.48 7.45 29.47
CA VAL B 256 -12.97 8.78 29.78
C VAL B 256 -14.44 8.93 29.44
N THR B 257 -15.23 9.20 30.48
CA THR B 257 -16.66 9.22 30.35
C THR B 257 -17.16 10.64 30.50
N ALA B 258 -17.98 11.07 29.55
CA ALA B 258 -18.65 12.35 29.64
C ALA B 258 -20.14 12.08 29.63
N LYS B 259 -20.86 12.66 30.59
CA LYS B 259 -22.24 12.30 30.84
C LYS B 259 -23.24 13.44 30.70
N SER B 260 -24.40 13.11 30.14
CA SER B 260 -25.57 13.94 30.12
C SER B 260 -26.73 13.11 30.55
N GLN B 261 -27.91 13.68 30.78
CA GLN B 261 -29.05 12.79 31.11
C GLN B 261 -29.65 12.07 29.96
N THR B 262 -29.17 12.39 28.76
CA THR B 262 -29.62 11.72 27.57
C THR B 262 -28.55 10.78 27.04
N GLU B 263 -27.28 11.09 27.34
CA GLU B 263 -26.17 10.51 26.57
C GLU B 263 -24.92 10.09 27.35
N CYS B 264 -24.06 9.32 26.69
CA CYS B 264 -22.80 8.89 27.27
C CYS B 264 -21.70 8.76 26.22
N ASP B 265 -20.50 9.24 26.57
CA ASP B 265 -19.37 9.20 25.66
C ASP B 265 -18.17 8.54 26.33
N ILE B 266 -17.67 7.47 25.70
CA ILE B 266 -16.64 6.63 26.29
C ILE B 266 -15.33 6.64 25.48
N TYR B 267 -14.22 7.02 26.13
CA TYR B 267 -12.91 7.15 25.45
C TYR B 267 -11.72 6.49 26.17
N PRO B 268 -11.03 5.54 25.50
CA PRO B 268 -9.82 4.91 26.00
C PRO B 268 -8.56 5.62 25.49
N LEU B 269 -7.81 6.25 26.38
CA LEU B 269 -6.58 6.91 26.00
C LEU B 269 -5.39 6.13 26.57
N ARG B 270 -4.72 5.35 25.71
CA ARG B 270 -3.51 4.65 26.11
C ARG B 270 -2.56 5.57 26.84
N VAL B 271 -1.95 5.07 27.90
CA VAL B 271 -1.09 5.89 28.73
C VAL B 271 0.15 5.14 29.21
N GLY B 272 1.31 5.77 29.01
CA GLY B 272 2.57 5.21 29.45
C GLY B 272 3.15 6.02 30.59
N ILE B 273 3.25 5.38 31.76
CA ILE B 273 3.86 5.96 32.95
C ILE B 273 5.34 6.14 32.77
N ARG B 274 5.75 7.36 32.50
CA ARG B 274 7.13 7.60 32.17
C ARG B 274 7.45 9.03 32.44
N SER B 275 8.68 9.27 32.85
CA SER B 275 9.13 10.62 33.16
C SER B 275 10.27 10.90 32.22
N VAL B 276 10.31 12.11 31.70
CA VAL B 276 11.42 12.48 30.86
C VAL B 276 11.94 13.84 31.29
N ALA B 277 13.25 13.93 31.42
CA ALA B 277 13.93 15.22 31.50
C ALA B 277 15.45 15.04 31.56
N VAL B 278 16.16 16.15 31.48
CA VAL B 278 17.61 16.12 31.45
C VAL B 278 18.23 16.41 32.81
N LYS B 279 19.32 15.72 33.12
CA LYS B 279 20.11 16.05 34.31
C LYS B 279 21.61 16.15 34.01
N GLY B 280 22.09 17.38 33.85
CA GLY B 280 23.48 17.62 33.50
C GLY B 280 23.75 17.21 32.07
N GLU B 281 24.57 16.18 31.90
CA GLU B 281 24.94 15.65 30.58
C GLU B 281 24.27 14.32 30.31
N GLN B 282 23.26 14.01 31.10
CA GLN B 282 22.59 12.73 31.00
C GLN B 282 21.18 12.91 30.49
N PHE B 283 20.70 11.90 29.77
CA PHE B 283 19.31 11.90 29.38
C PHE B 283 18.58 10.83 30.18
N LEU B 284 17.42 11.23 30.68
CA LEU B 284 16.76 10.45 31.70
C LEU B 284 15.33 10.15 31.32
N ILE B 285 15.05 8.86 31.25
CA ILE B 285 13.71 8.34 31.09
C ILE B 285 13.50 7.44 32.28
N ASN B 286 12.47 7.75 33.07
CA ASN B 286 12.30 7.06 34.33
C ASN B 286 13.62 7.11 35.12
N HIS B 287 14.22 8.29 35.14
CA HIS B 287 15.45 8.53 35.89
C HIS B 287 16.57 7.55 35.57
N LYS B 288 16.76 7.28 34.27
CA LYS B 288 17.81 6.39 33.84
C LYS B 288 18.67 7.05 32.73
N PRO B 289 19.95 6.65 32.64
CA PRO B 289 20.94 7.08 31.66
C PRO B 289 20.68 6.36 30.36
N PHE B 290 20.04 7.03 29.41
CA PHE B 290 19.71 6.35 28.19
C PHE B 290 20.89 6.46 27.24
N TYR B 291 20.88 5.63 26.20
CA TYR B 291 21.71 5.84 25.02
C TYR B 291 20.87 5.55 23.76
N PHE B 292 20.76 6.57 22.91
CA PHE B 292 19.95 6.54 21.70
C PHE B 292 20.63 5.82 20.54
N THR B 293 19.86 5.01 19.80
CA THR B 293 20.33 4.43 18.55
C THR B 293 19.22 4.53 17.53
N GLY B 294 19.52 4.26 16.27
CA GLY B 294 18.49 4.28 15.26
C GLY B 294 18.77 5.40 14.29
N PHE B 295 17.75 5.84 13.57
CA PHE B 295 18.00 6.77 12.51
C PHE B 295 17.22 8.05 12.48
N GLY B 296 17.59 8.89 11.52
CA GLY B 296 16.66 9.87 11.00
C GLY B 296 15.92 9.11 9.94
N ARG B 297 14.61 9.29 9.88
CA ARG B 297 13.87 8.62 8.84
C ARG B 297 13.16 9.66 7.99
N HIS B 298 12.59 9.16 6.91
CA HIS B 298 11.63 9.91 6.12
C HIS B 298 10.38 9.12 5.86
N GLU B 299 9.33 9.80 5.46
CA GLU B 299 8.17 9.13 4.92
C GLU B 299 8.36 9.18 3.42
N ASP B 300 8.90 8.09 2.88
CA ASP B 300 9.23 8.01 1.46
C ASP B 300 9.36 6.55 1.06
N ALA B 301 8.89 6.23 -0.15
CA ALA B 301 8.86 4.86 -0.67
C ALA B 301 8.49 4.91 -2.17
N ASP B 302 8.82 3.87 -2.94
CA ASP B 302 8.51 3.88 -4.36
C ASP B 302 7.01 4.12 -4.56
N LEU B 303 6.63 4.80 -5.64
CA LEU B 303 5.25 4.82 -6.11
C LEU B 303 4.24 5.70 -5.33
N ARG B 304 4.15 5.47 -4.01
CA ARG B 304 3.28 6.26 -3.12
C ARG B 304 3.70 7.55 -2.56
N GLY B 305 4.85 8.08 -2.90
CA GLY B 305 5.26 9.17 -2.04
C GLY B 305 5.48 9.00 -0.58
N LYS B 306 5.10 10.06 0.12
CA LYS B 306 5.07 10.11 1.55
C LYS B 306 3.74 9.55 2.05
N GLY B 307 2.95 8.98 1.15
CA GLY B 307 1.69 8.36 1.53
C GLY B 307 1.85 7.26 2.57
N PHE B 308 0.96 7.23 3.56
CA PHE B 308 1.01 6.19 4.59
C PHE B 308 0.84 4.77 4.04
N ASP B 309 1.48 3.79 4.67
CA ASP B 309 1.28 2.40 4.25
C ASP B 309 1.64 1.34 5.29
N ASN B 310 0.61 0.62 5.70
CA ASN B 310 0.68 -0.44 6.68
C ASN B 310 1.80 -1.49 6.44
N VAL B 311 1.84 -2.12 5.27
CA VAL B 311 2.89 -3.10 4.99
C VAL B 311 4.26 -2.43 5.18
N LEU B 312 4.44 -1.27 4.58
CA LEU B 312 5.69 -0.57 4.66
C LEU B 312 6.01 -0.38 6.11
N VAL B 314 4.96 -2.06 8.79
CA VAL B 314 5.25 -3.32 9.47
C VAL B 314 6.64 -3.82 9.12
N HIS B 315 7.01 -3.73 7.86
CA HIS B 315 8.34 -4.17 7.39
C HIS B 315 9.48 -3.32 7.96
N ASP B 316 9.39 -2.00 7.86
CA ASP B 316 10.47 -1.15 8.37
C ASP B 316 10.74 -1.34 9.85
N HIS B 317 9.68 -1.57 10.62
CA HIS B 317 9.86 -1.76 12.05
C HIS B 317 10.52 -3.09 12.32
N ALA B 318 10.15 -4.09 11.54
CA ALA B 318 10.81 -5.39 11.59
C ALA B 318 12.29 -5.15 11.36
N LEU B 319 12.61 -4.28 10.42
CA LEU B 319 14.00 -4.04 10.08
C LEU B 319 14.73 -3.30 11.18
N ASP B 321 13.86 -3.07 14.58
CA ASP B 321 13.94 -4.11 15.58
C ASP B 321 15.11 -5.09 15.42
N TRP B 322 15.32 -5.57 14.20
CA TRP B 322 16.35 -6.57 13.91
C TRP B 322 17.73 -5.95 14.11
N ILE B 323 17.89 -4.71 13.64
CA ILE B 323 19.20 -4.11 13.55
C ILE B 323 19.62 -3.37 14.82
N GLY B 324 18.71 -3.21 15.78
CA GLY B 324 19.06 -2.71 17.09
C GLY B 324 18.69 -1.27 17.37
N ALA B 325 17.94 -0.66 16.46
CA ALA B 325 17.43 0.69 16.70
C ALA B 325 16.51 0.63 17.91
N ASN B 326 16.70 1.54 18.85
CA ASN B 326 15.78 1.70 19.95
C ASN B 326 14.99 2.97 19.75
N SER B 327 15.42 3.77 18.78
CA SER B 327 14.86 5.10 18.68
C SER B 327 15.01 5.63 17.28
N TYR B 328 14.26 6.69 17.02
CA TYR B 328 14.46 7.44 15.80
C TYR B 328 13.83 8.82 15.96
N ARG B 329 13.97 9.63 14.93
CA ARG B 329 13.53 11.01 14.93
C ARG B 329 12.55 11.16 13.76
N THR B 330 11.53 11.99 13.87
CA THR B 330 10.60 12.15 12.74
C THR B 330 11.14 13.19 11.74
N SER B 331 12.25 12.84 11.11
CA SER B 331 12.95 13.76 10.24
C SER B 331 12.02 14.69 9.46
N HIS B 332 12.19 15.97 9.81
CA HIS B 332 11.75 17.17 9.11
C HIS B 332 10.27 17.26 8.78
N TYR B 333 9.44 16.60 9.59
CA TYR B 333 8.01 16.79 9.56
C TYR B 333 7.34 15.79 10.49
N PRO B 334 6.15 16.14 11.00
CA PRO B 334 5.32 15.19 11.73
C PRO B 334 4.92 14.01 10.86
N TYR B 335 5.12 12.81 11.40
CA TYR B 335 4.76 11.61 10.73
C TYR B 335 3.31 11.25 11.04
N ALA B 336 2.74 10.37 10.23
CA ALA B 336 1.45 9.75 10.51
C ALA B 336 1.42 9.12 11.93
N GLU B 337 0.38 9.42 12.72
CA GLU B 337 0.32 8.99 14.14
C GLU B 337 0.50 7.50 14.40
N GLU B 338 0.27 6.69 13.37
CA GLU B 338 0.29 5.25 13.53
C GLU B 338 1.67 4.79 13.94
N LEU B 340 3.63 6.41 15.84
CA LEU B 340 3.78 6.76 17.26
C LEU B 340 3.02 5.80 18.15
N ASP B 341 1.77 5.50 17.79
CA ASP B 341 1.02 4.44 18.47
C ASP B 341 1.86 3.15 18.51
N TRP B 342 2.52 2.82 17.40
CA TRP B 342 3.38 1.62 17.32
C TRP B 342 4.59 1.75 18.24
N ALA B 343 5.21 2.93 18.23
CA ALA B 343 6.34 3.20 19.10
C ALA B 343 5.99 3.03 20.58
N ASP B 344 4.84 3.56 21.00
CA ASP B 344 4.37 3.40 22.37
C ASP B 344 4.20 1.93 22.65
N GLU B 345 3.35 1.32 21.83
CA GLU B 345 3.06 -0.09 21.95
C GLU B 345 4.33 -0.92 22.05
N HIS B 346 5.35 -0.55 21.29
CA HIS B 346 6.55 -1.35 21.24
C HIS B 346 7.69 -0.73 22.07
N GLY B 347 7.41 0.36 22.75
CA GLY B 347 8.41 1.02 23.56
C GLY B 347 9.59 1.70 22.91
N ILE B 348 9.34 2.26 21.73
CA ILE B 348 10.36 2.83 20.89
C ILE B 348 10.47 4.33 21.09
N VAL B 349 11.69 4.80 21.26
CA VAL B 349 11.88 6.18 21.69
C VAL B 349 11.91 7.14 20.51
N VAL B 350 11.16 8.23 20.64
CA VAL B 350 10.95 9.11 19.51
C VAL B 350 11.24 10.57 19.81
N ILE B 351 12.19 11.12 19.06
CA ILE B 351 12.39 12.55 19.00
C ILE B 351 11.42 13.07 17.96
N ASP B 352 10.37 13.74 18.40
CA ASP B 352 9.32 14.23 17.50
C ASP B 352 9.68 15.63 16.98
N GLU B 353 9.49 15.83 15.68
CA GLU B 353 9.97 17.02 14.98
C GLU B 353 8.91 17.71 14.11
N THR B 354 9.04 19.03 13.99
CA THR B 354 8.14 19.86 13.18
C THR B 354 8.66 19.97 11.77
N ALA B 355 7.83 20.50 10.87
CA ALA B 355 8.22 20.66 9.48
C ALA B 355 9.17 21.84 9.20
N ALA B 356 9.67 22.47 10.28
CA ALA B 356 10.47 23.68 10.21
C ALA B 356 11.83 23.21 9.75
N VAL B 357 12.05 23.26 8.44
CA VAL B 357 13.28 22.78 7.86
C VAL B 357 13.52 23.79 6.75
N GLY B 358 14.80 24.04 6.45
CA GLY B 358 15.16 24.90 5.33
C GLY B 358 15.07 26.40 5.65
N PHE B 359 15.28 26.78 6.92
CA PHE B 359 15.32 28.20 7.29
C PHE B 359 16.61 28.80 6.82
N ASN B 360 17.41 27.98 6.17
CA ASN B 360 18.80 28.22 5.95
C ASN B 360 18.98 28.55 4.48
N LEU B 361 19.82 29.54 4.17
CA LEU B 361 20.02 29.94 2.77
C LEU B 361 21.41 29.63 2.24
N SER B 362 22.29 29.23 3.15
CA SER B 362 23.69 28.94 2.81
C SER B 362 23.77 27.54 2.22
N LEU B 363 22.69 26.80 2.44
CA LEU B 363 22.58 25.39 2.10
C LEU B 363 21.66 25.23 0.91
N GLY B 364 22.17 25.39 -0.31
CA GLY B 364 23.59 25.48 -0.57
C GLY B 364 23.86 24.92 -1.96
N ILE B 365 25.14 24.74 -2.28
CA ILE B 365 25.58 24.13 -3.55
C ILE B 365 25.20 24.74 -4.90
N GLY B 366 25.25 26.06 -5.01
CA GLY B 366 24.64 26.79 -6.12
C GLY B 366 25.72 27.23 -7.11
N PHE B 367 25.53 26.80 -8.37
CA PHE B 367 26.28 27.31 -9.51
C PHE B 367 25.39 28.35 -10.20
N GLU B 368 24.15 28.41 -9.74
CA GLU B 368 23.04 29.02 -10.47
C GLU B 368 22.74 30.47 -10.02
N ALA B 369 21.65 31.02 -10.53
CA ALA B 369 21.24 32.40 -10.26
C ALA B 369 20.98 32.68 -8.78
N GLY B 370 21.58 33.72 -8.23
CA GLY B 370 21.55 33.87 -6.80
C GLY B 370 20.28 34.05 -6.01
N ASN B 371 19.35 34.90 -6.44
CA ASN B 371 18.26 35.30 -5.57
C ASN B 371 17.04 34.42 -5.36
N LYS B 372 16.62 34.25 -4.12
CA LYS B 372 17.41 34.45 -2.88
C LYS B 372 17.49 35.81 -2.21
N PRO B 373 16.78 35.95 -1.10
CA PRO B 373 16.78 37.15 -0.27
C PRO B 373 18.08 37.38 0.46
N LYS B 374 18.45 38.63 0.64
CA LYS B 374 19.74 38.92 1.28
C LYS B 374 19.76 38.67 2.81
N GLU B 375 18.72 39.12 3.52
CA GLU B 375 18.61 38.92 4.98
C GLU B 375 17.59 37.83 5.35
N LEU B 376 18.04 36.76 6.02
CA LEU B 376 17.19 35.60 6.35
C LEU B 376 15.93 35.94 7.18
N TYR B 377 16.06 36.91 8.08
CA TYR B 377 14.96 37.42 8.90
C TYR B 377 14.64 38.87 8.61
N SER B 378 13.56 39.12 7.89
CA SER B 378 13.39 40.35 7.14
C SER B 378 11.91 40.25 6.89
N GLU B 379 11.31 41.25 6.23
CA GLU B 379 9.85 41.20 6.07
C GLU B 379 9.77 40.51 4.71
N GLU B 380 10.93 40.46 4.04
CA GLU B 380 11.08 39.90 2.71
C GLU B 380 11.07 38.40 2.96
N ALA B 381 11.98 37.93 3.82
CA ALA B 381 12.18 36.48 4.00
C ALA B 381 11.78 35.52 5.13
N VAL B 382 12.08 35.87 6.37
CA VAL B 382 11.60 35.09 7.49
C VAL B 382 11.22 36.32 8.28
N ASN B 383 9.94 36.40 8.61
CA ASN B 383 9.36 37.64 9.12
C ASN B 383 8.39 37.31 10.22
N GLY B 384 7.70 38.34 10.69
CA GLY B 384 6.74 38.23 11.77
C GLY B 384 5.73 37.12 11.59
N GLU B 385 5.03 37.11 10.46
CA GLU B 385 4.12 36.02 10.08
C GLU B 385 4.77 34.69 10.28
N THR B 386 5.99 34.62 9.77
CA THR B 386 6.73 33.38 9.69
C THR B 386 7.01 32.81 11.07
N GLN B 387 7.31 33.68 12.02
CA GLN B 387 7.44 33.22 13.40
C GLN B 387 6.06 32.77 13.94
N GLN B 388 4.99 33.41 13.47
CA GLN B 388 3.62 33.08 13.90
C GLN B 388 3.10 31.80 13.24
N ALA B 389 3.25 31.71 11.92
CA ALA B 389 2.96 30.47 11.21
C ALA B 389 3.70 29.30 11.86
N HIS B 390 4.94 29.56 12.26
CA HIS B 390 5.86 28.60 12.86
C HIS B 390 5.37 28.22 14.24
N LEU B 391 4.99 29.22 15.00
CA LEU B 391 4.38 29.02 16.30
C LEU B 391 3.22 28.06 16.17
N GLN B 392 2.29 28.35 15.27
CA GLN B 392 1.12 27.50 15.06
C GLN B 392 1.50 26.06 14.73
N ALA B 393 2.60 25.88 13.99
CA ALA B 393 3.04 24.53 13.63
C ALA B 393 3.47 23.76 14.87
N ILE B 394 4.11 24.45 15.80
CA ILE B 394 4.51 23.83 17.05
C ILE B 394 3.31 23.52 17.95
N LYS B 395 2.29 24.37 17.95
CA LYS B 395 1.11 24.04 18.74
C LYS B 395 0.66 22.65 18.32
N GLU B 396 0.18 22.57 17.09
CA GLU B 396 -0.42 21.34 16.57
C GLU B 396 0.33 20.03 16.84
N LEU B 397 1.63 19.99 16.54
CA LEU B 397 2.39 18.78 16.80
C LEU B 397 2.25 18.38 18.27
N ILE B 398 2.51 19.34 19.17
CA ILE B 398 2.29 19.12 20.60
C ILE B 398 0.83 18.82 20.92
N ALA B 399 -0.11 19.48 20.25
CA ALA B 399 -1.51 19.17 20.49
C ALA B 399 -1.72 17.70 20.21
N ARG B 400 -1.10 17.22 19.14
CA ARG B 400 -1.30 15.84 18.69
C ARG B 400 -0.58 14.80 19.56
N ASP B 401 0.64 15.11 20.01
CA ASP B 401 1.57 14.08 20.50
C ASP B 401 1.96 14.12 21.97
N LYS B 402 1.45 15.09 22.70
CA LYS B 402 1.62 15.23 24.14
C LYS B 402 1.29 13.98 24.94
N ASN B 403 0.36 13.18 24.41
CA ASN B 403 -0.14 12.00 25.10
C ASN B 403 0.57 10.73 24.68
N HIS B 404 1.45 10.84 23.68
CA HIS B 404 2.26 9.72 23.23
C HIS B 404 3.53 9.59 24.07
N PRO B 405 3.56 8.60 24.97
CA PRO B 405 4.70 8.25 25.82
C PRO B 405 5.98 8.04 25.02
N SER B 406 5.87 7.51 23.81
CA SER B 406 7.06 7.25 22.99
C SER B 406 7.88 8.50 22.67
N VAL B 407 7.21 9.65 22.64
CA VAL B 407 7.89 10.93 22.37
C VAL B 407 8.63 11.44 23.60
N VAL B 408 9.95 11.39 23.58
CA VAL B 408 10.69 11.79 24.77
C VAL B 408 11.27 13.16 24.61
N TRP B 410 10.85 17.10 22.04
CA TRP B 410 10.38 17.88 20.90
C TRP B 410 11.56 18.47 20.11
N SER B 411 11.38 18.58 18.79
CA SER B 411 12.36 19.23 17.93
C SER B 411 11.73 20.37 17.15
N ILE B 412 12.32 21.53 17.31
CA ILE B 412 11.72 22.78 16.97
C ILE B 412 11.93 23.01 15.50
N ALA B 413 13.10 22.60 15.05
CA ALA B 413 13.52 22.77 13.67
C ALA B 413 14.75 21.95 13.42
N ASN B 414 15.20 21.94 12.17
CA ASN B 414 16.36 21.20 11.75
C ASN B 414 17.21 22.06 10.83
N GLU B 415 18.44 22.32 11.25
CA GLU B 415 19.45 22.97 10.41
C GLU B 415 19.12 24.39 9.91
N PRO B 416 18.60 25.26 10.80
CA PRO B 416 18.40 26.66 10.42
C PRO B 416 19.75 27.36 10.45
N ASP B 417 19.96 28.40 9.65
CA ASP B 417 21.19 29.15 9.75
C ASP B 417 21.07 30.14 10.92
N THR B 418 22.01 30.06 11.86
CA THR B 418 22.02 30.92 13.06
C THR B 418 23.20 31.88 13.08
N ARG B 419 23.73 32.19 11.90
CA ARG B 419 24.83 33.14 11.75
C ARG B 419 24.28 34.52 11.39
N PRO B 420 23.20 34.58 10.57
CA PRO B 420 22.58 35.90 10.39
C PRO B 420 21.99 36.45 11.68
N GLN B 421 21.48 37.67 11.60
CA GLN B 421 21.29 38.44 12.80
C GLN B 421 20.09 38.15 13.70
N GLY B 422 18.90 38.20 13.13
CA GLY B 422 17.71 37.92 13.91
C GLY B 422 17.67 36.53 14.52
N ALA B 423 18.69 35.71 14.29
CA ALA B 423 18.62 34.27 14.61
C ALA B 423 18.38 33.88 16.06
N ARG B 424 18.70 34.76 17.01
CA ARG B 424 18.45 34.46 18.42
C ARG B 424 17.14 35.10 18.83
N GLU B 425 16.83 36.20 18.17
CA GLU B 425 15.58 36.94 18.35
C GLU B 425 14.38 36.17 17.81
N TYR B 426 14.62 35.37 16.77
CA TYR B 426 13.57 34.55 16.20
C TYR B 426 13.33 33.34 17.08
N PHE B 427 14.43 32.71 17.49
CA PHE B 427 14.35 31.44 18.19
C PHE B 427 14.02 31.48 19.69
N ALA B 428 14.35 32.56 20.40
CA ALA B 428 14.08 32.62 21.84
C ALA B 428 12.60 32.48 22.25
N PRO B 429 11.70 33.23 21.60
CA PRO B 429 10.28 33.13 21.95
C PRO B 429 9.72 31.71 21.81
N LEU B 430 9.82 31.13 20.62
CA LEU B 430 9.34 29.76 20.41
C LEU B 430 9.93 28.77 21.43
N ALA B 431 11.19 28.93 21.80
CA ALA B 431 11.77 28.04 22.81
C ALA B 431 11.04 28.17 24.14
N GLU B 432 10.76 29.41 24.55
CA GLU B 432 9.99 29.68 25.76
C GLU B 432 8.57 29.10 25.62
N ALA B 433 7.91 29.46 24.53
CA ALA B 433 6.52 29.07 24.26
C ALA B 433 6.32 27.57 24.17
N THR B 434 7.37 26.89 23.73
CA THR B 434 7.34 25.43 23.62
C THR B 434 7.08 24.86 25.02
N ARG B 435 7.92 25.23 25.98
CA ARG B 435 7.75 24.73 27.34
C ARG B 435 6.46 25.22 27.98
N LYS B 436 5.92 26.34 27.51
CA LYS B 436 4.63 26.80 28.02
C LYS B 436 3.50 25.95 27.42
N LEU B 437 3.82 25.15 26.39
CA LEU B 437 2.85 24.22 25.80
C LEU B 437 2.98 22.81 26.36
N ASP B 438 4.22 22.36 26.58
CA ASP B 438 4.48 21.10 27.29
C ASP B 438 5.78 21.14 28.07
N PRO B 439 5.71 21.21 29.42
CA PRO B 439 6.90 21.22 30.27
C PRO B 439 7.31 19.82 30.71
N THR B 440 6.65 18.77 30.21
CA THR B 440 6.98 17.41 30.59
C THR B 440 8.16 16.84 29.81
N ARG B 441 8.43 17.39 28.62
CA ARG B 441 9.52 16.91 27.78
C ARG B 441 10.52 18.02 27.42
N PRO B 442 11.81 17.66 27.32
CA PRO B 442 12.88 18.52 26.81
C PRO B 442 12.70 18.88 25.35
N ILE B 443 13.35 19.96 24.93
CA ILE B 443 13.17 20.51 23.60
C ILE B 443 14.52 20.80 22.96
N THR B 444 14.63 20.58 21.65
CA THR B 444 15.89 20.82 20.97
C THR B 444 15.65 21.55 19.65
N CYS B 445 16.74 21.98 19.04
CA CYS B 445 16.72 22.45 17.67
C CYS B 445 17.95 21.82 17.03
N VAL B 446 17.74 21.11 15.92
CA VAL B 446 18.81 20.33 15.29
C VAL B 446 19.81 21.19 14.51
N ASN B 447 21.10 20.87 14.66
CA ASN B 447 22.19 21.78 14.29
C ASN B 447 23.02 21.42 13.06
N VAL B 448 23.08 22.35 12.11
CA VAL B 448 23.87 22.19 10.89
C VAL B 448 25.35 22.46 11.15
N PHE B 450 27.84 23.91 9.89
CA PHE B 450 28.57 25.18 9.72
C PHE B 450 28.24 26.25 10.74
N CYS B 451 27.26 25.96 11.59
CA CYS B 451 27.03 26.73 12.80
C CYS B 451 27.67 25.72 13.70
N ASP B 452 28.96 25.96 13.94
CA ASP B 452 29.81 25.05 14.69
C ASP B 452 30.00 25.70 16.06
N ALA B 453 30.67 24.98 16.95
CA ALA B 453 30.72 25.38 18.35
C ALA B 453 31.19 26.80 18.69
N HIS B 454 31.67 27.55 17.70
CA HIS B 454 32.24 28.88 17.96
C HIS B 454 31.38 29.97 17.34
N THR B 455 30.43 29.56 16.51
CA THR B 455 29.69 30.48 15.66
C THR B 455 28.17 30.44 15.87
N ASP B 456 27.68 29.32 16.39
CA ASP B 456 26.25 29.10 16.55
C ASP B 456 25.70 29.88 17.72
N THR B 457 24.77 30.78 17.44
CA THR B 457 24.29 31.71 18.44
C THR B 457 23.03 31.29 19.15
N ILE B 458 22.72 29.99 19.17
CA ILE B 458 21.39 29.64 19.66
C ILE B 458 21.23 28.48 20.67
N SER B 459 22.26 27.69 20.91
CA SER B 459 22.08 26.40 21.60
C SER B 459 21.69 26.38 23.10
N ASP B 460 22.04 27.43 23.84
CA ASP B 460 21.71 27.49 25.28
C ASP B 460 20.20 27.49 25.52
N LEU B 461 19.48 28.05 24.57
CA LEU B 461 18.03 28.15 24.68
C LEU B 461 17.35 26.78 24.70
N PHE B 462 18.09 25.71 24.43
CA PHE B 462 17.50 24.35 24.41
C PHE B 462 18.14 23.36 25.38
N ASP B 463 17.51 22.20 25.52
CA ASP B 463 17.84 21.27 26.60
C ASP B 463 18.86 20.21 26.23
N VAL B 464 18.87 19.81 24.97
CA VAL B 464 19.75 18.75 24.52
C VAL B 464 20.40 19.12 23.19
N LEU B 465 21.59 18.57 22.97
CA LEU B 465 22.41 18.98 21.85
C LEU B 465 22.26 18.02 20.68
N CYS B 466 21.64 18.49 19.61
CA CYS B 466 21.36 17.66 18.45
C CYS B 466 22.13 18.10 17.20
N LEU B 467 23.12 17.30 16.85
CA LEU B 467 24.09 17.64 15.81
C LEU B 467 23.96 16.77 14.59
N ASN B 468 24.02 17.39 13.42
CA ASN B 468 24.12 16.69 12.16
C ASN B 468 25.54 16.91 11.62
N ARG B 469 26.35 15.85 11.55
CA ARG B 469 27.75 16.04 11.15
C ARG B 469 28.24 15.13 10.03
N TYR B 470 29.08 15.71 9.16
CA TYR B 470 29.52 15.09 7.92
C TYR B 470 30.90 15.70 8.05
N TYR B 471 31.88 14.88 8.43
CA TYR B 471 33.25 15.32 8.43
C TYR B 471 34.27 14.83 7.41
N GLY B 472 33.95 13.73 6.76
CA GLY B 472 34.83 13.17 5.75
C GLY B 472 34.07 13.35 4.46
N TRP B 473 32.76 13.55 4.59
CA TRP B 473 31.98 13.81 3.39
C TRP B 473 31.73 15.11 2.64
N TYR B 474 31.46 16.20 3.34
CA TYR B 474 31.12 17.44 2.65
C TYR B 474 32.45 18.24 2.75
N VAL B 475 33.11 18.08 3.89
CA VAL B 475 34.45 18.60 4.09
C VAL B 475 35.36 17.47 4.55
N GLN B 476 36.65 17.61 4.25
CA GLN B 476 37.63 16.56 4.47
C GLN B 476 37.19 15.39 3.63
N SER B 477 36.63 15.67 2.46
CA SER B 477 35.98 14.61 1.72
C SER B 477 36.95 13.45 1.57
N GLY B 478 36.56 12.31 2.12
CA GLY B 478 37.26 11.05 1.90
C GLY B 478 38.37 10.75 2.89
N ASP B 479 38.56 11.64 3.85
CA ASP B 479 39.74 11.60 4.70
C ASP B 479 39.37 11.26 6.14
N LEU B 480 39.20 9.97 6.43
CA LEU B 480 38.85 9.50 7.76
C LEU B 480 39.86 10.02 8.81
N GLU B 481 41.12 10.05 8.40
CA GLU B 481 42.26 10.35 9.28
C GLU B 481 42.15 11.76 9.91
N THR B 482 41.93 12.78 9.09
CA THR B 482 41.76 14.14 9.61
C THR B 482 40.31 14.42 10.04
N ALA B 483 39.35 13.77 9.38
CA ALA B 483 37.93 13.83 9.78
C ALA B 483 37.65 13.47 11.24
N GLU B 484 38.35 12.47 11.76
CA GLU B 484 38.25 12.01 13.15
C GLU B 484 38.70 13.09 14.13
N LYS B 485 39.74 13.82 13.75
CA LYS B 485 40.25 14.88 14.62
C LYS B 485 39.22 15.99 14.72
N VAL B 486 38.96 16.64 13.60
CA VAL B 486 37.95 17.69 13.53
C VAL B 486 36.70 17.34 14.33
N LEU B 487 36.23 16.10 14.17
CA LEU B 487 34.97 15.68 14.78
C LEU B 487 35.09 15.65 16.30
N GLU B 488 36.12 14.95 16.79
CA GLU B 488 36.32 14.88 18.24
C GLU B 488 36.58 16.27 18.79
N LYS B 489 37.53 16.96 18.17
CA LYS B 489 37.83 18.31 18.56
C LYS B 489 36.55 19.12 18.73
N GLU B 490 35.60 18.88 17.83
CA GLU B 490 34.41 19.72 17.77
C GLU B 490 33.33 19.19 18.70
N LEU B 491 33.49 17.95 19.15
CA LEU B 491 32.54 17.36 20.08
C LEU B 491 32.96 17.77 21.49
N LEU B 492 34.26 17.69 21.74
CA LEU B 492 34.79 18.19 23.00
C LEU B 492 34.49 19.68 23.11
N ALA B 493 34.67 20.40 22.02
CA ALA B 493 34.46 21.83 22.08
C ALA B 493 33.01 22.19 22.42
N TRP B 494 32.06 21.34 22.04
CA TRP B 494 30.65 21.53 22.42
C TRP B 494 30.42 21.16 23.88
N GLN B 495 31.10 20.11 24.35
CA GLN B 495 30.88 19.57 25.70
C GLN B 495 31.19 20.61 26.76
N GLU B 496 32.30 21.31 26.60
CA GLU B 496 32.70 22.36 27.52
C GLU B 496 31.86 23.62 27.33
N LYS B 497 31.65 24.03 26.08
CA LYS B 497 30.82 25.20 25.81
C LYS B 497 29.49 25.13 26.55
N LEU B 498 28.78 24.01 26.44
CA LEU B 498 27.41 23.96 26.94
C LEU B 498 27.13 22.95 28.07
N HIS B 499 28.00 21.97 28.23
CA HIS B 499 27.84 20.96 29.28
C HIS B 499 26.45 20.32 29.28
N GLN B 500 25.88 20.29 28.09
CA GLN B 500 24.64 19.58 27.80
C GLN B 500 24.94 18.18 27.29
N PRO B 501 23.92 17.30 27.36
CA PRO B 501 24.03 15.97 26.75
C PRO B 501 23.97 16.10 25.22
N ILE B 502 24.79 15.33 24.51
CA ILE B 502 24.87 15.45 23.06
C ILE B 502 24.36 14.20 22.32
N ILE B 503 23.51 14.42 21.30
CA ILE B 503 23.04 13.37 20.38
C ILE B 503 23.40 13.74 18.94
N ILE B 504 23.99 12.83 18.18
CA ILE B 504 24.13 13.08 16.75
C ILE B 504 22.92 12.58 15.97
N THR B 505 22.05 13.52 15.60
CA THR B 505 20.84 13.23 14.87
C THR B 505 21.03 13.04 13.37
N GLU B 506 22.25 13.23 12.88
CA GLU B 506 22.58 12.83 11.49
C GLU B 506 24.08 12.56 11.32
N TYR B 507 24.43 11.31 11.01
CA TYR B 507 25.80 10.98 10.56
C TYR B 507 25.78 9.92 9.47
N GLY B 508 26.21 10.26 8.25
CA GLY B 508 26.16 9.31 7.16
C GLY B 508 26.68 9.78 5.80
N VAL B 509 26.94 8.81 4.91
CA VAL B 509 27.62 9.03 3.63
C VAL B 509 26.89 8.42 2.45
N ASP B 510 26.81 9.12 1.32
CA ASP B 510 26.13 8.56 0.17
C ASP B 510 26.85 7.28 -0.26
N THR B 511 26.08 6.23 -0.49
CA THR B 511 26.66 4.95 -0.82
C THR B 511 25.75 4.28 -1.84
N LEU B 512 26.36 3.86 -2.95
CA LEU B 512 25.64 3.15 -3.99
C LEU B 512 25.67 1.67 -3.69
N ALA B 513 24.52 1.03 -3.54
CA ALA B 513 24.53 -0.41 -3.36
C ALA B 513 25.21 -1.02 -4.56
N GLY B 514 26.07 -2.00 -4.32
CA GLY B 514 26.76 -2.69 -5.39
C GLY B 514 28.07 -2.08 -5.84
N LEU B 515 28.39 -0.87 -5.36
CA LEU B 515 29.69 -0.27 -5.67
C LEU B 515 30.70 -0.76 -4.62
N HIS B 516 31.71 -1.50 -5.08
CA HIS B 516 32.68 -2.15 -4.20
C HIS B 516 34.09 -1.67 -4.58
N SER B 517 34.95 -1.42 -3.58
CA SER B 517 36.26 -0.86 -3.86
C SER B 517 37.36 -1.36 -2.91
N TYR B 519 40.02 0.14 -2.62
CA TYR B 519 40.64 1.38 -2.15
C TYR B 519 39.75 2.03 -1.09
N THR B 520 38.64 1.37 -0.79
CA THR B 520 37.67 1.83 0.22
C THR B 520 37.33 3.34 0.20
N ASP B 521 36.92 3.83 -0.96
CA ASP B 521 36.66 5.25 -1.15
C ASP B 521 35.22 5.68 -1.39
N TRP B 523 31.48 6.79 -1.96
CA TRP B 523 30.38 6.13 -2.67
C TRP B 523 30.43 4.62 -2.67
N SER B 524 31.53 4.03 -2.19
CA SER B 524 31.59 2.57 -2.09
C SER B 524 30.92 2.11 -0.84
N GLU B 525 30.45 0.86 -0.84
CA GLU B 525 29.91 0.21 0.36
C GLU B 525 30.92 0.15 1.50
N GLU B 526 32.16 -0.23 1.18
CA GLU B 526 33.22 -0.36 2.18
C GLU B 526 33.49 0.94 2.91
N TYR B 527 33.39 2.04 2.18
CA TYR B 527 33.64 3.36 2.72
C TYR B 527 32.63 3.74 3.78
N GLN B 528 31.36 3.53 3.46
CA GLN B 528 30.26 3.75 4.39
C GLN B 528 30.59 3.03 5.67
N CYS B 529 31.06 1.79 5.54
CA CYS B 529 31.35 0.97 6.71
C CYS B 529 32.51 1.57 7.51
N ALA B 530 33.56 2.05 6.81
CA ALA B 530 34.72 2.59 7.50
C ALA B 530 34.36 3.90 8.17
N TRP B 531 33.62 4.72 7.45
CA TRP B 531 33.20 6.00 7.98
C TRP B 531 32.26 5.82 9.17
N LEU B 532 31.34 4.86 9.13
CA LEU B 532 30.52 4.71 10.33
C LEU B 532 31.36 4.16 11.48
N ASP B 533 32.31 3.28 11.17
CA ASP B 533 33.25 2.74 12.15
C ASP B 533 33.91 3.84 12.94
N TYR B 535 33.16 7.32 13.09
CA TYR B 535 32.30 8.17 13.90
C TYR B 535 32.06 7.47 15.21
N HIS B 536 31.92 6.15 15.13
CA HIS B 536 31.66 5.34 16.31
C HIS B 536 32.83 5.30 17.29
N ARG B 537 34.01 5.03 16.77
CA ARG B 537 35.24 5.02 17.54
C ARG B 537 35.32 6.29 18.39
N VAL B 538 34.77 7.38 17.85
CA VAL B 538 34.90 8.71 18.45
C VAL B 538 33.82 9.03 19.49
N PHE B 539 32.62 8.48 19.35
CA PHE B 539 31.62 8.68 20.40
C PHE B 539 31.94 7.81 21.59
N ASP B 540 32.88 6.89 21.40
CA ASP B 540 33.23 5.98 22.48
C ASP B 540 34.30 6.64 23.32
N ARG B 541 34.84 7.72 22.79
CA ARG B 541 35.83 8.53 23.48
C ARG B 541 35.25 9.88 23.86
N VAL B 542 33.94 9.92 24.09
CA VAL B 542 33.31 11.13 24.59
C VAL B 542 32.17 10.81 25.54
N SER B 543 32.17 11.46 26.70
CA SER B 543 31.23 11.17 27.78
C SER B 543 29.87 11.82 27.53
N ALA B 544 29.91 13.00 26.91
CA ALA B 544 28.70 13.78 26.65
C ALA B 544 27.87 13.17 25.53
N VAL B 545 28.49 12.35 24.70
CA VAL B 545 27.72 11.69 23.63
C VAL B 545 26.85 10.59 24.19
N VAL B 546 25.55 10.80 24.11
CA VAL B 546 24.58 9.86 24.66
C VAL B 546 23.53 9.42 23.62
N GLY B 547 23.64 9.95 22.41
CA GLY B 547 22.74 9.55 21.34
C GLY B 547 23.41 9.44 19.97
N GLU B 548 23.01 8.43 19.20
CA GLU B 548 23.49 8.23 17.83
C GLU B 548 22.36 7.79 16.88
N GLN B 549 22.08 8.60 15.87
CA GLN B 549 21.10 8.20 14.88
C GLN B 549 21.66 8.43 13.50
N VAL B 550 21.61 7.37 12.72
CA VAL B 550 22.27 7.34 11.43
C VAL B 550 21.50 8.23 10.50
N TRP B 551 22.22 8.80 9.52
CA TRP B 551 21.54 9.53 8.46
C TRP B 551 21.10 8.16 8.07
N ASN B 552 20.33 8.32 7.03
CA ASN B 552 19.14 7.67 6.57
C ASN B 552 18.97 6.15 6.63
N PHE B 553 17.89 5.82 7.30
CA PHE B 553 17.40 4.48 7.32
C PHE B 553 17.38 3.92 5.89
N ALA B 554 16.79 4.61 4.95
CA ALA B 554 16.80 4.12 3.59
C ALA B 554 16.90 5.24 2.62
N ASP B 555 17.36 4.95 1.43
CA ASP B 555 17.50 5.96 0.42
C ASP B 555 16.15 6.57 0.18
N PHE B 556 16.08 7.88 0.25
CA PHE B 556 14.96 8.62 -0.32
C PHE B 556 15.01 9.56 -1.50
N ALA B 557 13.85 10.01 -2.00
CA ALA B 557 13.88 10.89 -3.19
C ALA B 557 14.17 12.35 -2.85
N THR B 558 14.87 13.02 -3.74
CA THR B 558 15.16 14.44 -3.57
C THR B 558 14.80 15.27 -4.80
N SER B 559 14.79 16.58 -4.59
CA SER B 559 14.90 17.59 -5.65
C SER B 559 15.98 17.16 -6.65
N GLN B 560 15.82 17.47 -7.93
CA GLN B 560 16.85 17.06 -8.91
C GLN B 560 18.08 17.97 -8.74
N GLY B 561 19.28 17.37 -8.70
CA GLY B 561 20.51 18.15 -8.60
C GLY B 561 21.78 17.35 -8.89
N ILE B 562 22.90 18.08 -8.98
CA ILE B 562 24.25 17.53 -9.19
C ILE B 562 24.78 16.75 -8.00
N LEU B 563 24.23 17.01 -6.82
CA LEU B 563 24.76 16.37 -5.62
C LEU B 563 23.90 15.17 -5.21
N ARG B 564 22.84 14.91 -5.98
CA ARG B 564 21.91 13.82 -5.64
C ARG B 564 21.77 12.84 -6.79
N VAL B 565 22.30 11.63 -6.60
CA VAL B 565 22.25 10.63 -7.65
C VAL B 565 20.94 9.87 -7.59
N GLY B 566 19.94 10.38 -8.30
CA GLY B 566 18.60 9.80 -8.27
C GLY B 566 17.97 9.86 -6.88
N GLY B 567 18.48 10.75 -6.03
CA GLY B 567 17.96 10.91 -4.69
C GLY B 567 19.11 10.99 -3.70
N ASN B 568 18.77 10.99 -2.42
CA ASN B 568 19.79 10.87 -1.39
C ASN B 568 20.13 9.39 -1.23
N LYS B 569 21.39 9.02 -1.51
CA LYS B 569 21.84 7.64 -1.37
C LYS B 569 22.44 7.30 0.00
N LYS B 570 22.10 8.07 1.05
CA LYS B 570 22.67 7.83 2.38
C LYS B 570 21.95 6.81 3.26
N GLY B 571 21.13 5.98 2.62
CA GLY B 571 20.42 4.95 3.37
C GLY B 571 21.33 3.81 3.76
N ILE B 572 21.01 3.19 4.88
CA ILE B 572 21.64 1.95 5.29
C ILE B 572 21.03 0.89 4.39
N PHE B 573 19.76 1.12 4.02
CA PHE B 573 19.01 0.29 3.10
C PHE B 573 18.66 1.06 1.83
N THR B 574 18.51 0.36 0.72
CA THR B 574 18.03 0.97 -0.50
C THR B 574 16.54 1.31 -0.33
N ARG B 575 15.95 2.01 -1.28
CA ARG B 575 14.56 2.45 -1.15
C ARG B 575 13.58 1.25 -1.13
N ASP B 576 13.96 0.17 -1.80
CA ASP B 576 13.14 -1.06 -1.78
C ASP B 576 13.52 -1.96 -0.59
N ARG B 577 14.28 -1.35 0.33
CA ARG B 577 14.69 -1.93 1.64
C ARG B 577 15.64 -3.10 1.57
N LYS B 578 16.51 -3.07 0.59
CA LYS B 578 17.57 -4.05 0.52
C LYS B 578 18.75 -3.46 1.24
N PRO B 579 19.40 -4.29 2.06
CA PRO B 579 20.40 -3.78 3.00
C PRO B 579 21.76 -3.61 2.35
N LYS B 580 22.39 -2.47 2.59
CA LYS B 580 23.77 -2.27 2.13
C LYS B 580 24.67 -2.91 3.16
N SER B 581 25.90 -3.22 2.79
CA SER B 581 26.77 -3.97 3.71
C SER B 581 26.90 -3.28 5.08
N ALA B 582 26.42 -2.05 5.20
CA ALA B 582 26.51 -1.34 6.49
C ALA B 582 25.38 -1.68 7.45
N ALA B 583 24.29 -2.24 6.93
CA ALA B 583 23.24 -2.72 7.82
C ALA B 583 23.80 -3.77 8.76
N PHE B 584 24.78 -4.53 8.30
CA PHE B 584 25.27 -5.63 9.14
C PHE B 584 26.34 -5.16 10.18
N LEU B 585 26.94 -3.99 9.96
CA LEU B 585 27.92 -3.41 10.87
C LEU B 585 27.16 -2.74 12.02
N LEU B 586 26.19 -1.89 11.67
CA LEU B 586 25.28 -1.31 12.65
C LEU B 586 24.54 -2.38 13.47
N GLN B 587 24.27 -3.51 12.82
CA GLN B 587 23.66 -4.66 13.44
C GLN B 587 24.42 -5.10 14.68
N LYS B 588 25.71 -5.33 14.49
CA LYS B 588 26.60 -5.77 15.58
C LYS B 588 26.67 -4.76 16.71
N ARG B 589 27.18 -3.56 16.44
CA ARG B 589 27.13 -2.51 17.42
C ARG B 589 25.78 -2.36 18.13
N TRP B 590 24.68 -2.30 17.39
CA TRP B 590 23.41 -1.98 18.06
C TRP B 590 22.82 -3.13 18.91
N THR B 591 23.07 -4.39 18.56
CA THR B 591 22.59 -5.48 19.40
C THR B 591 23.64 -5.99 20.38
N GLY B 592 24.90 -5.66 20.12
CA GLY B 592 26.00 -6.02 21.01
C GLY B 592 25.97 -5.25 22.32
N ASN B 594 24.59 -3.34 25.72
CA ASN B 594 23.47 -3.49 26.61
C ASN B 594 22.46 -2.45 26.20
N PHE B 595 21.19 -2.80 26.38
CA PHE B 595 20.10 -1.90 26.09
C PHE B 595 20.16 -0.55 26.80
N GLY B 596 20.09 0.52 26.01
CA GLY B 596 20.13 1.88 26.54
C GLY B 596 21.47 2.25 27.16
N GLU B 597 22.52 1.52 26.79
CA GLU B 597 23.79 1.61 27.51
C GLU B 597 25.01 1.89 26.62
N LYS B 598 25.62 3.06 26.81
CA LYS B 598 26.93 3.35 26.22
C LYS B 598 27.95 2.30 26.62
N PRO B 599 28.94 2.01 25.74
CA PRO B 599 30.08 1.13 26.07
C PRO B 599 31.03 1.67 27.16
N GLN B 600 32.03 0.87 27.53
CA GLN B 600 33.03 1.23 28.56
C GLN B 600 34.14 2.10 27.91
N GLN B 601 33.73 3.15 27.21
CA GLN B 601 34.66 3.92 26.38
C GLN B 601 35.55 2.97 25.57
N GLY B 602 34.91 1.90 25.14
CA GLY B 602 35.51 0.75 24.48
C GLY B 602 34.36 -0.24 24.43
N GLY B 603 34.61 -1.54 24.45
CA GLY B 603 33.52 -2.50 24.43
C GLY B 603 33.83 -3.83 25.08
#